data_5WQG
#
_entry.id   5WQG
#
_cell.length_a   99.440
_cell.length_b   47.130
_cell.length_c   121.130
_cell.angle_alpha   90.00
_cell.angle_beta   107.97
_cell.angle_gamma   90.00
#
_symmetry.space_group_name_H-M   'P 1 21 1'
#
loop_
_entity.id
_entity.type
_entity.pdbx_description
1 polymer 'Isomerase trt14'
2 non-polymer 'CALCIUM ION'
3 non-polymer 'methyl (2S,4aR,4bS,5S,6aS,10aS,10bS,12aS)-2,4b,7,7,10a,12a-hexamethyl-12-methylidene-5-oxidanyl-1,4,6,8-tetrakis(oxidanylidene) -5,6a,9,10,10b,11-hexahydro-4aH-naphtho[1,2-h]isochromene-2-carboxylate'
4 water water
#
_entity_poly.entity_id   1
_entity_poly.type   'polypeptide(L)'
_entity_poly.pdbx_seq_one_letter_code
;MGSSHHHHHHSSGLVPRGSHMSPTREDLVATAKLFIAKYNEFTPESIISVRTPNSVSHRLFPTRNATRNIGESMEACANA
KEVFKSLTVSVIDDNDTIVDERTRKVVFYLASRGDTIVGEWKSECIFIFQMSEDGKLVDRIWAGFDTAYMDEFESRLDGI
TF
;
_entity_poly.pdbx_strand_id   A,B,C,D,E,F
#
# COMPACT_ATOMS: atom_id res chain seq x y z
N PRO A 23 9.73 17.06 5.72
CA PRO A 23 9.31 15.67 5.98
C PRO A 23 8.05 15.28 5.22
N THR A 24 8.07 14.10 4.64
CA THR A 24 6.93 13.64 3.88
C THR A 24 5.83 13.14 4.82
N ARG A 25 4.61 13.09 4.28
CA ARG A 25 3.51 12.37 4.92
C ARG A 25 3.98 11.05 5.52
N GLU A 26 4.64 10.22 4.71
CA GLU A 26 5.12 8.94 5.22
C GLU A 26 6.13 9.12 6.35
N ASP A 27 6.94 10.19 6.30
CA ASP A 27 7.87 10.46 7.39
C ASP A 27 7.13 10.75 8.70
N LEU A 28 6.06 11.57 8.63
CA LEU A 28 5.36 11.98 9.84
C LEU A 28 4.69 10.78 10.51
N VAL A 29 3.98 9.95 9.73
CA VAL A 29 3.36 8.75 10.27
C VAL A 29 4.40 7.84 10.91
N ALA A 30 5.54 7.65 10.22
CA ALA A 30 6.55 6.70 10.69
C ALA A 30 7.08 7.11 12.05
N THR A 31 7.29 8.41 12.26
CA THR A 31 7.67 8.85 13.61
C THR A 31 6.55 8.54 14.59
N ALA A 32 5.30 8.73 14.18
CA ALA A 32 4.19 8.46 15.08
C ALA A 32 4.10 6.97 15.40
N LYS A 33 4.25 6.11 14.39
CA LYS A 33 4.28 4.67 14.64
C LYS A 33 5.42 4.30 15.57
N LEU A 34 6.56 4.98 15.44
CA LEU A 34 7.68 4.68 16.33
C LEU A 34 7.34 5.07 17.76
N PHE A 35 6.73 6.24 17.95
CA PHE A 35 6.25 6.60 19.27
C PHE A 35 5.38 5.49 19.86
N ILE A 36 4.48 4.93 19.07
CA ILE A 36 3.58 3.87 19.55
C ILE A 36 4.38 2.63 19.94
N ALA A 37 5.32 2.22 19.09
CA ALA A 37 6.12 1.04 19.38
C ALA A 37 6.86 1.19 20.70
N LYS A 38 7.45 2.36 20.93
CA LYS A 38 8.24 2.54 22.15
C LYS A 38 7.32 2.69 23.35
N TYR A 39 6.19 3.38 23.14
CA TYR A 39 5.15 3.46 24.17
C TYR A 39 4.75 2.09 24.69
N ASN A 40 4.53 1.13 23.78
CA ASN A 40 4.10 -0.20 24.16
C ASN A 40 5.18 -1.00 24.89
N GLU A 41 6.42 -0.52 24.93
CA GLU A 41 7.41 -1.11 25.82
C GLU A 41 7.12 -0.72 27.26
N PHE A 42 6.44 0.41 27.48
CA PHE A 42 5.90 0.78 28.78
C PHE A 42 6.97 0.85 29.87
N THR A 43 8.04 1.58 29.59
CA THR A 43 9.02 1.97 30.61
C THR A 43 9.19 3.48 30.55
N PRO A 44 9.60 4.11 31.66
CA PRO A 44 9.85 5.56 31.60
C PRO A 44 10.85 5.94 30.50
N GLU A 45 11.84 5.09 30.26
CA GLU A 45 12.79 5.36 29.19
C GLU A 45 12.09 5.36 27.84
N SER A 46 11.26 4.36 27.57
CA SER A 46 10.71 4.20 26.24
C SER A 46 9.65 5.24 25.92
N ILE A 47 8.87 5.66 26.91
CA ILE A 47 7.81 6.62 26.62
C ILE A 47 8.36 8.01 26.35
N ILE A 48 9.65 8.25 26.60
CA ILE A 48 10.25 9.54 26.27
C ILE A 48 11.20 9.47 25.07
N SER A 49 11.50 8.28 24.55
CA SER A 49 12.59 8.12 23.56
C SER A 49 12.23 8.62 22.17
N VAL A 50 10.98 8.92 21.87
CA VAL A 50 10.64 9.53 20.59
C VAL A 50 10.16 10.97 20.80
N ARG A 51 10.50 11.56 21.94
CA ARG A 51 10.03 12.90 22.27
C ARG A 51 11.19 13.87 22.39
N THR A 52 10.98 15.09 21.92
CA THR A 52 11.95 16.14 22.18
C THR A 52 11.94 16.45 23.68
N PRO A 53 13.08 16.80 24.26
CA PRO A 53 13.12 16.99 25.72
C PRO A 53 12.26 18.15 26.21
N ASN A 54 11.92 19.11 25.34
CA ASN A 54 11.03 20.20 25.72
C ASN A 54 9.57 19.94 25.41
N SER A 55 9.24 18.75 24.91
CA SER A 55 7.88 18.41 24.52
C SER A 55 6.94 18.35 25.72
N VAL A 56 5.68 18.70 25.48
CA VAL A 56 4.65 18.58 26.50
C VAL A 56 3.57 17.62 26.00
N SER A 57 2.88 17.03 26.97
CA SER A 57 1.82 16.08 26.75
C SER A 57 0.54 16.64 27.38
N HIS A 58 -0.42 17.06 26.54
CA HIS A 58 -1.70 17.62 26.98
C HIS A 58 -2.81 16.56 26.98
N ARG A 59 -3.64 16.60 28.00
CA ARG A 59 -4.88 15.82 28.01
C ARG A 59 -6.03 16.70 27.56
N LEU A 60 -6.89 16.15 26.69
CA LEU A 60 -8.07 16.85 26.22
C LEU A 60 -9.21 16.72 27.24
N PHE A 61 -10.21 17.61 27.11
CA PHE A 61 -11.46 17.57 27.87
C PHE A 61 -11.29 18.08 29.30
N PRO A 62 -12.10 19.08 29.68
CA PRO A 62 -11.90 19.77 30.96
C PRO A 62 -11.85 18.87 32.19
N THR A 63 -12.65 17.80 32.26
CA THR A 63 -12.64 17.00 33.49
C THR A 63 -11.32 16.28 33.71
N ARG A 64 -10.42 16.26 32.72
CA ARG A 64 -9.18 15.52 32.85
C ARG A 64 -7.99 16.30 32.28
N ASN A 65 -8.14 17.60 32.05
CA ASN A 65 -7.05 18.33 31.42
C ASN A 65 -5.81 18.32 32.31
N ALA A 66 -4.65 18.14 31.68
CA ALA A 66 -3.37 18.10 32.38
C ALA A 66 -2.26 18.30 31.37
N THR A 67 -1.15 18.84 31.82
CA THR A 67 0.02 19.06 30.97
C THR A 67 1.26 18.48 31.64
N ARG A 68 1.96 17.60 30.93
CA ARG A 68 3.13 16.90 31.47
C ARG A 68 4.34 17.16 30.58
N ASN A 69 5.39 17.70 31.16
CA ASN A 69 6.68 17.71 30.50
C ASN A 69 7.29 16.31 30.59
N ILE A 70 8.51 16.15 30.08
CA ILE A 70 9.14 14.83 30.00
C ILE A 70 9.24 14.19 31.37
N GLY A 71 9.77 14.92 32.35
CA GLY A 71 9.90 14.36 33.70
C GLY A 71 8.57 13.93 34.30
N GLU A 72 7.53 14.75 34.14
CA GLU A 72 6.22 14.35 34.65
C GLU A 72 5.67 13.13 33.92
N SER A 73 5.99 12.98 32.63
CA SER A 73 5.56 11.79 31.90
C SER A 73 6.24 10.55 32.44
N MET A 74 7.56 10.63 32.68
CA MET A 74 8.28 9.52 33.28
C MET A 74 7.71 9.15 34.64
N GLU A 75 7.43 10.14 35.48
CA GLU A 75 6.84 9.85 36.79
C GLU A 75 5.43 9.28 36.66
N ALA A 76 4.65 9.78 35.71
CA ALA A 76 3.34 9.21 35.42
C ALA A 76 3.46 7.76 34.97
N CYS A 77 4.41 7.48 34.07
CA CYS A 77 4.56 6.11 33.60
C CYS A 77 4.96 5.19 34.75
N ALA A 78 5.87 5.64 35.63
CA ALA A 78 6.29 4.80 36.75
C ALA A 78 5.11 4.53 37.69
N ASN A 79 4.32 5.56 37.99
CA ASN A 79 3.13 5.34 38.83
C ASN A 79 2.17 4.38 38.16
N ALA A 80 2.00 4.52 36.84
CA ALA A 80 1.08 3.66 36.10
C ALA A 80 1.54 2.20 36.14
N LYS A 81 2.85 1.96 36.10
CA LYS A 81 3.32 0.58 36.19
C LYS A 81 3.05 -0.03 37.57
N GLU A 82 2.79 0.77 38.61
CA GLU A 82 2.37 0.21 39.89
C GLU A 82 0.95 -0.32 39.86
N VAL A 83 0.18 -0.02 38.81
CA VAL A 83 -1.22 -0.44 38.69
C VAL A 83 -1.41 -1.36 37.49
N PHE A 84 -0.84 -1.00 36.35
CA PHE A 84 -0.96 -1.78 35.12
C PHE A 84 0.15 -2.83 35.08
N LYS A 85 -0.25 -4.08 34.88
CA LYS A 85 0.77 -5.11 34.68
C LYS A 85 1.12 -5.29 33.20
N SER A 86 0.28 -4.77 32.30
CA SER A 86 0.51 -4.73 30.87
C SER A 86 -0.33 -3.59 30.32
N LEU A 87 0.14 -2.98 29.24
CA LEU A 87 -0.63 -1.95 28.57
C LEU A 87 -0.16 -1.81 27.13
N THR A 88 -1.03 -2.08 26.17
CA THR A 88 -0.67 -1.94 24.76
C THR A 88 -1.70 -1.09 24.05
N VAL A 89 -1.23 -0.20 23.18
CA VAL A 89 -2.11 0.55 22.30
C VAL A 89 -1.81 0.16 20.87
N SER A 90 -2.81 0.28 20.01
CA SER A 90 -2.58 0.06 18.59
C SER A 90 -3.53 0.92 17.78
N VAL A 91 -3.03 1.37 16.64
CA VAL A 91 -3.85 2.08 15.67
C VAL A 91 -4.85 1.09 15.09
N ILE A 92 -6.14 1.38 15.28
CA ILE A 92 -7.16 0.45 14.82
C ILE A 92 -7.15 0.30 13.31
N ASP A 93 -6.96 1.39 12.58
CA ASP A 93 -7.11 1.35 11.13
C ASP A 93 -6.35 2.51 10.52
N ASP A 94 -5.34 2.19 9.70
CA ASP A 94 -4.56 3.25 9.05
C ASP A 94 -5.38 4.10 8.10
N ASN A 95 -6.58 3.65 7.68
CA ASN A 95 -7.41 4.49 6.81
C ASN A 95 -7.92 5.72 7.56
N ASP A 96 -8.04 5.65 8.86
CA ASP A 96 -8.58 6.75 9.63
C ASP A 96 -7.51 7.74 10.06
N THR A 97 -6.25 7.46 9.75
CA THR A 97 -5.17 8.30 10.20
C THR A 97 -5.16 9.63 9.44
N ILE A 98 -4.90 10.72 10.17
CA ILE A 98 -4.99 12.07 9.61
C ILE A 98 -3.59 12.68 9.68
N VAL A 99 -3.14 13.23 8.57
CA VAL A 99 -1.80 13.80 8.46
C VAL A 99 -1.90 15.19 7.85
N ASP A 100 -1.33 16.17 8.53
CA ASP A 100 -1.24 17.54 8.07
C ASP A 100 0.23 17.80 7.81
N GLU A 101 0.64 17.72 6.54
CA GLU A 101 2.04 17.91 6.21
C GLU A 101 2.53 19.30 6.54
N ARG A 102 1.64 20.28 6.59
CA ARG A 102 2.07 21.65 6.80
C ARG A 102 2.30 21.95 8.27
N THR A 103 1.43 21.44 9.16
CA THR A 103 1.64 21.64 10.58
C THR A 103 2.37 20.48 11.24
N ARG A 104 2.73 19.46 10.46
CA ARG A 104 3.51 18.32 10.95
C ARG A 104 2.76 17.55 12.03
N LYS A 105 1.44 17.40 11.83
CA LYS A 105 0.57 16.78 12.80
C LYS A 105 0.02 15.47 12.26
N VAL A 106 -0.15 14.49 13.15
CA VAL A 106 -0.69 13.18 12.84
C VAL A 106 -1.74 12.87 13.90
N VAL A 107 -2.87 12.30 13.48
CA VAL A 107 -3.93 11.90 14.40
C VAL A 107 -4.12 10.40 14.29
N PHE A 108 -4.03 9.70 15.43
CA PHE A 108 -4.32 8.27 15.50
C PHE A 108 -5.56 8.05 16.36
N TYR A 109 -6.33 7.02 16.04
CA TYR A 109 -7.41 6.54 16.90
C TYR A 109 -7.07 5.13 17.33
N LEU A 110 -6.94 4.92 18.63
CA LEU A 110 -6.24 3.74 19.12
C LEU A 110 -7.10 2.91 20.04
N ALA A 111 -6.85 1.61 20.02
CA ALA A 111 -7.35 0.71 21.05
C ALA A 111 -6.28 0.56 22.12
N SER A 112 -6.68 0.67 23.38
CA SER A 112 -5.78 0.39 24.49
C SER A 112 -6.34 -0.80 25.26
N ARG A 113 -5.48 -1.74 25.61
CA ARG A 113 -5.82 -2.95 26.33
C ARG A 113 -4.78 -3.12 27.42
N GLY A 114 -5.21 -3.59 28.59
CA GLY A 114 -4.26 -3.75 29.67
C GLY A 114 -4.78 -4.61 30.79
N ASP A 115 -3.84 -5.05 31.63
CA ASP A 115 -4.13 -5.82 32.83
C ASP A 115 -3.67 -5.05 34.06
N THR A 116 -4.54 -4.99 35.06
CA THR A 116 -4.34 -4.12 36.21
C THR A 116 -4.72 -4.85 37.49
N ILE A 117 -4.23 -4.33 38.62
CA ILE A 117 -4.54 -4.91 39.92
C ILE A 117 -6.01 -4.78 40.30
N VAL A 118 -6.78 -3.94 39.60
CA VAL A 118 -8.21 -3.89 39.79
C VAL A 118 -8.95 -4.42 38.57
N GLY A 119 -8.28 -5.19 37.73
CA GLY A 119 -8.95 -5.87 36.64
C GLY A 119 -8.57 -5.31 35.28
N GLU A 120 -9.38 -5.67 34.30
CA GLU A 120 -9.05 -5.44 32.91
C GLU A 120 -9.24 -3.96 32.54
N TRP A 121 -8.28 -3.45 31.77
CA TRP A 121 -8.40 -2.14 31.13
C TRP A 121 -8.71 -2.35 29.66
N LYS A 122 -9.78 -1.75 29.18
CA LYS A 122 -10.14 -1.85 27.77
C LYS A 122 -10.80 -0.54 27.36
N SER A 123 -10.23 0.16 26.39
CA SER A 123 -10.75 1.48 26.04
C SER A 123 -10.25 1.86 24.67
N GLU A 124 -10.62 3.06 24.24
CA GLU A 124 -10.09 3.65 23.03
C GLU A 124 -9.78 5.11 23.33
N CYS A 125 -8.89 5.68 22.55
CA CYS A 125 -8.49 7.05 22.74
C CYS A 125 -8.05 7.61 21.41
N ILE A 126 -7.87 8.92 21.37
CA ILE A 126 -7.39 9.61 20.19
C ILE A 126 -6.09 10.30 20.58
N PHE A 127 -5.05 10.08 19.80
CA PHE A 127 -3.74 10.66 20.04
C PHE A 127 -3.41 11.60 18.89
N ILE A 128 -2.90 12.78 19.23
CA ILE A 128 -2.51 13.76 18.23
C ILE A 128 -1.06 14.09 18.50
N PHE A 129 -0.25 13.99 17.44
CA PHE A 129 1.17 14.27 17.51
C PHE A 129 1.47 15.50 16.66
N GLN A 130 2.29 16.40 17.18
CA GLN A 130 2.92 17.39 16.34
C GLN A 130 4.40 17.07 16.29
N MET A 131 4.91 16.81 15.09
CA MET A 131 6.29 16.44 14.92
C MET A 131 7.20 17.67 14.88
N SER A 132 8.47 17.44 15.20
CA SER A 132 9.52 18.45 15.10
C SER A 132 9.76 18.85 13.65
N GLU A 133 10.53 19.93 13.46
CA GLU A 133 10.72 20.47 12.11
C GLU A 133 11.27 19.42 11.16
N ASP A 134 12.23 18.61 11.63
CA ASP A 134 12.74 17.54 10.77
C ASP A 134 11.81 16.34 10.72
N GLY A 135 10.70 16.36 11.45
CA GLY A 135 9.75 15.28 11.44
C GLY A 135 10.18 14.01 12.16
N LYS A 136 11.36 14.01 12.80
CA LYS A 136 11.95 12.81 13.37
C LYS A 136 11.54 12.54 14.81
N LEU A 137 11.12 13.57 15.55
CA LEU A 137 10.71 13.43 16.93
C LEU A 137 9.33 14.01 17.14
N VAL A 138 8.73 13.62 18.25
CA VAL A 138 7.44 14.17 18.65
C VAL A 138 7.69 15.39 19.52
N ASP A 139 7.10 16.51 19.14
CA ASP A 139 7.30 17.77 19.84
C ASP A 139 6.13 18.13 20.76
N ARG A 140 4.95 17.59 20.49
CA ARG A 140 3.75 17.90 21.27
C ARG A 140 2.77 16.74 21.10
N ILE A 141 2.08 16.38 22.19
CA ILE A 141 1.05 15.34 22.18
C ILE A 141 -0.23 15.89 22.78
N TRP A 142 -1.37 15.56 22.17
CA TRP A 142 -2.69 15.78 22.75
C TRP A 142 -3.39 14.44 22.81
N ALA A 143 -3.85 14.05 23.98
CA ALA A 143 -4.50 12.76 24.13
C ALA A 143 -5.93 12.98 24.61
N GLY A 144 -6.87 12.33 23.95
CA GLY A 144 -8.26 12.39 24.36
C GLY A 144 -8.74 11.01 24.73
N PHE A 145 -9.08 10.82 26.00
CA PHE A 145 -9.57 9.53 26.50
C PHE A 145 -11.07 9.54 26.70
N ASP A 146 -11.62 8.34 26.83
CA ASP A 146 -12.97 8.14 27.33
C ASP A 146 -12.99 8.48 28.83
N THR A 147 -13.29 9.73 29.15
CA THR A 147 -13.11 10.20 30.54
C THR A 147 -14.07 9.49 31.51
N ALA A 148 -15.28 9.15 31.06
CA ALA A 148 -16.19 8.39 31.90
C ALA A 148 -15.60 7.02 32.24
N TYR A 149 -14.99 6.37 31.24
CA TYR A 149 -14.28 5.13 31.53
C TYR A 149 -13.14 5.37 32.51
N MET A 150 -12.39 6.47 32.36
CA MET A 150 -11.33 6.79 33.30
C MET A 150 -11.87 6.90 34.72
N ASP A 151 -12.93 7.71 34.91
CA ASP A 151 -13.55 7.85 36.23
C ASP A 151 -13.92 6.49 36.80
N GLU A 152 -14.55 5.65 35.97
CA GLU A 152 -14.98 4.34 36.43
C GLU A 152 -13.79 3.48 36.83
N PHE A 153 -12.71 3.51 36.03
CA PHE A 153 -11.51 2.80 36.40
C PHE A 153 -10.93 3.34 37.70
N GLU A 154 -10.97 4.66 37.87
CA GLU A 154 -10.46 5.26 39.10
C GLU A 154 -11.32 4.88 40.29
N SER A 155 -12.61 4.65 40.08
CA SER A 155 -13.45 4.15 41.17
C SER A 155 -13.00 2.77 41.62
N ARG A 156 -12.63 1.90 40.68
CA ARG A 156 -12.12 0.59 41.06
C ARG A 156 -10.88 0.75 41.93
N LEU A 157 -9.97 1.66 41.54
CA LEU A 157 -8.80 1.95 42.34
C LEU A 157 -9.17 2.45 43.73
N ASP A 158 -10.01 3.50 43.80
CA ASP A 158 -10.50 4.05 45.07
C ASP A 158 -11.10 3.01 45.98
N GLY A 159 -11.51 1.86 45.44
CA GLY A 159 -12.14 0.83 46.22
C GLY A 159 -11.22 -0.23 46.79
N ILE A 160 -9.89 -0.04 46.68
CA ILE A 160 -8.96 -1.03 47.21
C ILE A 160 -9.12 -1.13 48.73
N THR A 161 -8.95 -2.34 49.27
CA THR A 161 -9.34 -2.61 50.65
C THR A 161 -8.30 -3.42 51.42
N PHE A 162 -7.76 -4.46 50.79
CA PHE A 162 -7.02 -5.58 51.42
C PHE A 162 -8.01 -6.62 51.97
N PRO B 23 -7.85 -3.22 -3.40
CA PRO B 23 -7.62 -2.94 -1.98
C PRO B 23 -6.30 -2.23 -1.75
N THR B 24 -6.32 -1.19 -0.92
CA THR B 24 -5.08 -0.46 -0.69
C THR B 24 -4.19 -1.19 0.34
N ARG B 25 -2.96 -0.67 0.48
CA ARG B 25 -2.10 -1.04 1.59
C ARG B 25 -2.83 -0.94 2.93
N GLU B 26 -3.54 0.17 3.14
CA GLU B 26 -4.18 0.43 4.43
C GLU B 26 -5.29 -0.59 4.69
N ASP B 27 -6.03 -0.94 3.65
CA ASP B 27 -7.11 -1.90 3.78
C ASP B 27 -6.59 -3.26 4.24
N LEU B 28 -5.49 -3.73 3.63
CA LEU B 28 -4.96 -5.04 3.93
C LEU B 28 -4.46 -5.11 5.37
N VAL B 29 -3.70 -4.10 5.79
CA VAL B 29 -3.22 -4.05 7.17
C VAL B 29 -4.37 -3.99 8.16
N ALA B 30 -5.39 -3.16 7.86
CA ALA B 30 -6.54 -3.05 8.76
C ALA B 30 -7.16 -4.42 9.02
N THR B 31 -7.22 -5.27 7.98
CA THR B 31 -7.72 -6.62 8.19
C THR B 31 -6.79 -7.41 9.08
N ALA B 32 -5.48 -7.28 8.87
CA ALA B 32 -4.52 -7.99 9.71
C ALA B 32 -4.59 -7.49 11.15
N LYS B 33 -4.67 -6.16 11.33
CA LYS B 33 -4.82 -5.60 12.67
C LYS B 33 -6.06 -6.15 13.35
N LEU B 34 -7.17 -6.25 12.61
CA LEU B 34 -8.41 -6.76 13.19
C LEU B 34 -8.26 -8.21 13.58
N PHE B 35 -7.62 -9.03 12.73
CA PHE B 35 -7.30 -10.41 13.11
C PHE B 35 -6.56 -10.47 14.44
N ILE B 36 -5.55 -9.61 14.60
CA ILE B 36 -4.78 -9.62 15.83
C ILE B 36 -5.67 -9.19 17.00
N ALA B 37 -6.42 -8.10 16.81
CA ALA B 37 -7.34 -7.66 17.86
C ALA B 37 -8.25 -8.79 18.31
N LYS B 38 -8.87 -9.50 17.36
CA LYS B 38 -9.76 -10.59 17.73
C LYS B 38 -8.96 -11.78 18.23
N TYR B 39 -7.76 -12.01 17.70
CA TYR B 39 -6.92 -13.07 18.24
C TYR B 39 -6.75 -12.87 19.74
N ASN B 40 -6.55 -11.62 20.16
CA ASN B 40 -6.29 -11.29 21.55
C ASN B 40 -7.50 -11.55 22.45
N GLU B 41 -8.70 -11.65 21.90
CA GLU B 41 -9.82 -12.08 22.74
C GLU B 41 -9.73 -13.56 23.08
N PHE B 42 -9.04 -14.32 22.24
CA PHE B 42 -8.66 -15.70 22.54
C PHE B 42 -9.85 -16.57 22.95
N THR B 43 -10.89 -16.53 22.14
CA THR B 43 -11.96 -17.51 22.19
C THR B 43 -12.07 -18.14 20.82
N PRO B 44 -12.69 -19.33 20.72
CA PRO B 44 -12.84 -19.95 19.39
C PRO B 44 -13.57 -19.07 18.39
N GLU B 45 -14.61 -18.35 18.81
CA GLU B 45 -15.34 -17.46 17.90
C GLU B 45 -14.43 -16.37 17.37
N SER B 46 -13.72 -15.69 18.28
CA SER B 46 -12.88 -14.55 17.91
C SER B 46 -11.77 -14.95 16.94
N ILE B 47 -11.07 -16.06 17.20
CA ILE B 47 -9.90 -16.41 16.40
C ILE B 47 -10.26 -16.85 14.99
N ILE B 48 -11.55 -17.06 14.70
CA ILE B 48 -11.99 -17.35 13.33
C ILE B 48 -12.77 -16.21 12.71
N SER B 49 -13.06 -15.14 13.45
CA SER B 49 -14.00 -14.13 12.98
C SER B 49 -13.45 -13.27 11.84
N VAL B 50 -12.18 -13.42 11.48
CA VAL B 50 -11.59 -12.66 10.39
C VAL B 50 -11.02 -13.57 9.32
N ARG B 51 -11.39 -14.85 9.34
CA ARG B 51 -10.85 -15.85 8.43
C ARG B 51 -11.92 -16.29 7.45
N THR B 52 -11.49 -16.58 6.22
CA THR B 52 -12.40 -17.24 5.31
C THR B 52 -12.64 -18.66 5.80
N PRO B 53 -13.84 -19.20 5.63
CA PRO B 53 -14.15 -20.53 6.18
C PRO B 53 -13.31 -21.63 5.59
N ASN B 54 -12.62 -21.39 4.47
CA ASN B 54 -11.70 -22.36 3.88
C ASN B 54 -10.25 -22.03 4.13
N SER B 55 -9.97 -20.99 4.89
CA SER B 55 -8.60 -20.60 5.15
C SER B 55 -7.85 -21.72 5.88
N VAL B 56 -6.55 -21.79 5.64
CA VAL B 56 -5.69 -22.75 6.33
C VAL B 56 -4.60 -21.98 7.07
N SER B 57 -4.21 -22.50 8.23
CA SER B 57 -3.18 -21.95 9.09
C SER B 57 -1.96 -22.89 9.06
N HIS B 58 -0.86 -22.42 8.47
CA HIS B 58 0.38 -23.19 8.38
C HIS B 58 1.41 -22.73 9.42
N ARG B 59 2.22 -23.67 9.88
CA ARG B 59 3.35 -23.37 10.74
C ARG B 59 4.63 -23.55 9.92
N LEU B 60 5.42 -22.49 9.83
CA LEU B 60 6.71 -22.61 9.15
C LEU B 60 7.68 -23.47 9.98
N PHE B 61 8.81 -23.80 9.36
CA PHE B 61 9.91 -24.53 9.99
C PHE B 61 9.55 -26.00 10.19
N PRO B 62 10.38 -26.90 9.66
CA PRO B 62 10.14 -28.35 9.81
C PRO B 62 9.81 -28.85 11.22
N THR B 63 10.51 -28.41 12.27
CA THR B 63 10.47 -29.16 13.53
C THR B 63 9.12 -29.14 14.23
N ARG B 64 8.26 -28.17 13.92
CA ARG B 64 6.90 -28.19 14.48
C ARG B 64 5.88 -27.83 13.41
N ASN B 65 6.07 -28.40 12.21
CA ASN B 65 5.17 -28.16 11.10
C ASN B 65 3.75 -28.63 11.47
N ALA B 66 2.76 -27.81 11.09
CA ALA B 66 1.36 -28.07 11.40
C ALA B 66 0.48 -27.30 10.41
N THR B 67 -0.70 -27.86 10.13
CA THR B 67 -1.61 -27.30 9.13
C THR B 67 -3.03 -27.45 9.63
N ARG B 68 -3.73 -26.32 9.78
CA ARG B 68 -4.98 -26.27 10.53
C ARG B 68 -6.05 -25.53 9.75
N ASN B 69 -7.11 -26.24 9.38
CA ASN B 69 -8.32 -25.60 8.90
C ASN B 69 -9.03 -24.91 10.08
N ILE B 70 -10.22 -24.34 9.78
CA ILE B 70 -10.93 -23.53 10.77
C ILE B 70 -11.33 -24.37 11.99
N GLY B 71 -11.93 -25.54 11.76
CA GLY B 71 -12.30 -26.40 12.87
C GLY B 71 -11.09 -26.84 13.70
N GLU B 72 -9.98 -27.17 13.03
CA GLU B 72 -8.76 -27.51 13.76
C GLU B 72 -8.28 -26.32 14.58
N SER B 73 -8.32 -25.11 14.01
CA SER B 73 -7.90 -23.91 14.75
C SER B 73 -8.77 -23.69 15.98
N MET B 74 -10.09 -23.88 15.85
CA MET B 74 -10.96 -23.74 17.01
C MET B 74 -10.65 -24.80 18.05
N GLU B 75 -10.42 -26.04 17.62
CA GLU B 75 -10.06 -27.09 18.56
C GLU B 75 -8.74 -26.76 19.26
N ALA B 76 -7.77 -26.25 18.51
CA ALA B 76 -6.49 -25.88 19.12
C ALA B 76 -6.67 -24.74 20.12
N CYS B 77 -7.53 -23.77 19.79
CA CYS B 77 -7.77 -22.67 20.72
C CYS B 77 -8.35 -23.17 22.03
N ALA B 78 -9.43 -23.95 21.97
CA ALA B 78 -10.03 -24.49 23.18
C ALA B 78 -9.00 -25.23 24.03
N ASN B 79 -8.18 -26.08 23.39
CA ASN B 79 -7.14 -26.78 24.13
C ASN B 79 -6.16 -25.81 24.77
N ALA B 80 -5.73 -24.78 24.02
CA ALA B 80 -4.79 -23.84 24.59
C ALA B 80 -5.37 -23.06 25.76
N LYS B 81 -6.70 -22.93 25.83
CA LYS B 81 -7.32 -22.27 26.98
C LYS B 81 -7.20 -23.09 28.27
N GLU B 82 -7.00 -24.40 28.16
CA GLU B 82 -6.68 -25.21 29.34
C GLU B 82 -5.31 -24.88 29.89
N VAL B 83 -4.40 -24.39 29.05
CA VAL B 83 -3.03 -24.10 29.45
C VAL B 83 -2.82 -22.61 29.70
N PHE B 84 -3.36 -21.75 28.84
CA PHE B 84 -3.10 -20.32 28.94
C PHE B 84 -4.21 -19.65 29.75
N LYS B 85 -3.81 -18.90 30.76
CA LYS B 85 -4.77 -18.11 31.53
C LYS B 85 -5.06 -16.79 30.83
N SER B 86 -4.02 -16.15 30.32
CA SER B 86 -4.10 -14.98 29.48
C SER B 86 -3.13 -15.17 28.32
N LEU B 87 -3.29 -14.35 27.29
CA LEU B 87 -2.41 -14.37 26.14
C LEU B 87 -2.55 -13.05 25.42
N THR B 88 -1.44 -12.39 25.19
CA THR B 88 -1.39 -11.11 24.48
C THR B 88 -0.45 -11.24 23.29
N VAL B 89 -0.85 -10.62 22.20
CA VAL B 89 -0.10 -10.59 20.95
C VAL B 89 -0.12 -9.16 20.46
N SER B 90 1.04 -8.61 20.13
CA SER B 90 1.10 -7.21 19.75
C SER B 90 2.18 -6.99 18.68
N VAL B 91 1.82 -6.19 17.68
CA VAL B 91 2.80 -5.83 16.65
C VAL B 91 3.88 -4.98 17.30
N ILE B 92 5.13 -5.42 17.16
CA ILE B 92 6.23 -4.74 17.84
C ILE B 92 6.43 -3.35 17.25
N ASP B 93 6.48 -3.25 15.91
CA ASP B 93 6.65 -1.94 15.29
C ASP B 93 5.93 -1.91 13.94
N ASP B 94 4.88 -1.09 13.84
CA ASP B 94 4.12 -0.94 12.60
C ASP B 94 5.03 -0.59 11.42
N ASN B 95 6.06 0.22 11.66
CA ASN B 95 6.98 0.58 10.57
C ASN B 95 7.68 -0.62 9.96
N ASP B 96 7.75 -1.74 10.68
CA ASP B 96 8.38 -2.94 10.13
C ASP B 96 7.39 -3.84 9.42
N THR B 97 6.09 -3.54 9.54
CA THR B 97 5.07 -4.24 8.75
C THR B 97 5.43 -4.22 7.27
N ILE B 98 5.26 -5.36 6.62
CA ILE B 98 5.53 -5.51 5.20
C ILE B 98 4.19 -5.78 4.51
N VAL B 99 3.92 -5.05 3.43
CA VAL B 99 2.67 -5.20 2.68
C VAL B 99 2.99 -5.42 1.20
N ASP B 100 2.34 -6.41 0.61
CA ASP B 100 2.43 -6.69 -0.83
C ASP B 100 1.02 -6.54 -1.38
N GLU B 101 0.76 -5.42 -2.06
CA GLU B 101 -0.57 -5.19 -2.60
C GLU B 101 -0.90 -6.18 -3.72
N ARG B 102 0.08 -6.54 -4.55
CA ARG B 102 -0.19 -7.45 -5.66
C ARG B 102 -0.61 -8.84 -5.17
N THR B 103 0.12 -9.40 -4.21
CA THR B 103 -0.22 -10.73 -3.68
C THR B 103 -1.14 -10.67 -2.47
N ARG B 104 -1.55 -9.46 -2.04
CA ARG B 104 -2.48 -9.25 -0.92
C ARG B 104 -1.94 -9.88 0.37
N LYS B 105 -0.66 -9.64 0.63
CA LYS B 105 0.07 -10.29 1.71
C LYS B 105 0.62 -9.26 2.69
N VAL B 106 0.54 -9.60 3.98
CA VAL B 106 0.99 -8.76 5.07
C VAL B 106 1.84 -9.60 6.01
N VAL B 107 2.99 -9.06 6.41
CA VAL B 107 3.86 -9.68 7.39
C VAL B 107 3.93 -8.81 8.64
N PHE B 108 3.53 -9.39 9.78
CA PHE B 108 3.72 -8.83 11.12
C PHE B 108 4.84 -9.57 11.86
N TYR B 109 5.63 -8.84 12.63
CA TYR B 109 6.51 -9.43 13.63
C TYR B 109 5.93 -9.10 15.02
N LEU B 110 5.50 -10.14 15.73
CA LEU B 110 4.65 -10.04 16.91
C LEU B 110 5.41 -10.33 18.20
N ALA B 111 5.02 -9.66 19.28
CA ALA B 111 5.43 -10.07 20.62
C ALA B 111 4.27 -10.83 21.26
N SER B 112 4.57 -11.98 21.86
CA SER B 112 3.54 -12.76 22.55
C SER B 112 3.89 -12.89 24.02
N ARG B 113 2.89 -12.67 24.87
CA ARG B 113 3.01 -12.72 26.32
C ARG B 113 1.77 -13.36 26.89
N GLY B 114 1.94 -14.29 27.82
CA GLY B 114 0.80 -14.85 28.51
C GLY B 114 1.18 -15.47 29.84
N ASP B 115 0.16 -15.70 30.66
CA ASP B 115 0.33 -16.43 31.91
C ASP B 115 -0.28 -17.81 31.76
N THR B 116 0.46 -18.84 32.15
CA THR B 116 0.07 -20.22 31.91
C THR B 116 0.13 -21.02 33.20
N ILE B 117 -0.38 -22.26 33.14
CA ILE B 117 -0.34 -23.10 34.31
C ILE B 117 1.08 -23.47 34.72
N VAL B 118 2.07 -23.29 33.83
CA VAL B 118 3.46 -23.55 34.21
C VAL B 118 4.26 -22.25 34.18
N GLY B 119 3.58 -21.13 34.35
CA GLY B 119 4.27 -19.86 34.43
C GLY B 119 4.25 -19.05 33.15
N GLU B 120 5.17 -18.10 33.09
CA GLU B 120 5.15 -17.06 32.07
C GLU B 120 5.43 -17.62 30.68
N TRP B 121 4.65 -17.14 29.70
CA TRP B 121 4.96 -17.29 28.29
C TRP B 121 5.44 -15.95 27.76
N LYS B 122 6.59 -15.96 27.09
CA LYS B 122 7.17 -14.75 26.54
C LYS B 122 7.99 -15.15 25.33
N SER B 123 7.58 -14.71 24.15
CA SER B 123 8.26 -15.11 22.91
C SER B 123 7.91 -14.08 21.83
N GLU B 124 8.37 -14.35 20.62
CA GLU B 124 8.08 -13.53 19.46
C GLU B 124 7.87 -14.44 18.27
N CYS B 125 7.10 -13.95 17.30
CA CYS B 125 6.74 -14.75 16.13
C CYS B 125 6.47 -13.83 14.96
N ILE B 126 6.58 -14.40 13.77
CA ILE B 126 6.29 -13.70 12.54
C ILE B 126 5.05 -14.33 11.95
N PHE B 127 4.03 -13.51 11.69
CA PHE B 127 2.79 -13.92 11.06
C PHE B 127 2.76 -13.41 9.63
N ILE B 128 2.39 -14.27 8.70
CA ILE B 128 2.18 -13.90 7.31
C ILE B 128 0.71 -14.14 6.98
N PHE B 129 0.04 -13.11 6.48
CA PHE B 129 -1.35 -13.19 6.09
C PHE B 129 -1.48 -13.02 4.58
N GLN B 130 -2.34 -13.83 3.97
CA GLN B 130 -2.84 -13.55 2.63
C GLN B 130 -4.34 -13.27 2.74
N MET B 131 -4.75 -12.09 2.28
CA MET B 131 -6.16 -11.73 2.36
C MET B 131 -6.94 -12.25 1.14
N SER B 132 -8.25 -12.30 1.31
CA SER B 132 -9.15 -12.57 0.19
C SER B 132 -8.99 -11.50 -0.89
N GLU B 133 -9.53 -11.80 -2.07
CA GLU B 133 -9.40 -10.87 -3.18
C GLU B 133 -9.98 -9.50 -2.84
N ASP B 134 -11.01 -9.44 -2.00
CA ASP B 134 -11.60 -8.16 -1.63
C ASP B 134 -10.89 -7.51 -0.45
N GLY B 135 -9.86 -8.14 0.11
CA GLY B 135 -9.04 -7.52 1.13
C GLY B 135 -9.57 -7.57 2.55
N LYS B 136 -10.81 -7.98 2.78
CA LYS B 136 -11.39 -7.85 4.11
C LYS B 136 -11.30 -9.11 4.97
N LEU B 137 -10.76 -10.21 4.43
CA LEU B 137 -10.72 -11.47 5.16
C LEU B 137 -9.35 -12.13 5.00
N VAL B 138 -8.94 -12.86 6.03
CA VAL B 138 -7.67 -13.57 5.99
C VAL B 138 -7.91 -14.93 5.33
N ASP B 139 -7.25 -15.14 4.18
CA ASP B 139 -7.46 -16.36 3.43
C ASP B 139 -6.44 -17.43 3.75
N ARG B 140 -5.24 -17.07 4.21
CA ARG B 140 -4.24 -18.04 4.61
C ARG B 140 -3.26 -17.40 5.58
N ILE B 141 -2.76 -18.21 6.51
CA ILE B 141 -1.84 -17.78 7.58
C ILE B 141 -0.63 -18.69 7.62
N TRP B 142 0.56 -18.10 7.68
CA TRP B 142 1.80 -18.78 8.01
C TRP B 142 2.36 -18.16 9.28
N ALA B 143 2.61 -18.99 10.29
CA ALA B 143 3.17 -18.54 11.55
C ALA B 143 4.56 -19.14 11.73
N GLY B 144 5.55 -18.29 11.91
CA GLY B 144 6.88 -18.74 12.23
C GLY B 144 7.18 -18.48 13.69
N PHE B 145 7.31 -19.56 14.47
CA PHE B 145 7.54 -19.43 15.89
C PHE B 145 9.01 -19.65 16.23
N ASP B 146 9.40 -19.17 17.40
CA ASP B 146 10.67 -19.51 18.03
C ASP B 146 10.57 -20.97 18.50
N THR B 147 11.06 -21.91 17.69
CA THR B 147 10.74 -23.32 17.95
C THR B 147 11.53 -23.86 19.14
N ALA B 148 12.77 -23.37 19.36
CA ALA B 148 13.47 -23.73 20.58
C ALA B 148 12.68 -23.31 21.80
N TYR B 149 12.01 -22.16 21.72
CA TYR B 149 11.22 -21.75 22.87
C TYR B 149 10.00 -22.64 23.03
N MET B 150 9.35 -23.01 21.92
CA MET B 150 8.24 -23.94 22.00
C MET B 150 8.65 -25.21 22.74
N ASP B 151 9.75 -25.83 22.29
CA ASP B 151 10.25 -27.05 22.94
C ASP B 151 10.48 -26.85 24.43
N GLU B 152 11.14 -25.76 24.81
CA GLU B 152 11.33 -25.50 26.23
C GLU B 152 9.98 -25.33 26.95
N PHE B 153 9.02 -24.66 26.31
CA PHE B 153 7.72 -24.53 26.97
C PHE B 153 7.05 -25.88 27.13
N GLU B 154 7.12 -26.72 26.11
CA GLU B 154 6.50 -28.03 26.21
C GLU B 154 7.19 -28.92 27.25
N SER B 155 8.49 -28.73 27.47
CA SER B 155 9.13 -29.52 28.53
C SER B 155 8.65 -29.05 29.90
N ARG B 156 8.52 -27.75 30.09
CA ARG B 156 7.88 -27.24 31.30
C ARG B 156 6.54 -27.95 31.51
N LEU B 157 5.75 -28.06 30.44
CA LEU B 157 4.47 -28.76 30.53
C LEU B 157 4.69 -30.23 30.88
N ASP B 158 5.50 -30.93 30.08
CA ASP B 158 5.77 -32.35 30.33
C ASP B 158 6.27 -32.62 31.75
N GLY B 159 6.63 -31.60 32.51
CA GLY B 159 7.11 -31.80 33.87
C GLY B 159 6.23 -31.18 34.94
N ILE B 160 4.91 -31.17 34.71
CA ILE B 160 3.96 -30.70 35.71
C ILE B 160 4.00 -31.60 36.94
N THR B 161 3.85 -30.99 38.12
CA THR B 161 3.79 -31.67 39.43
C THR B 161 3.16 -33.07 39.41
N PRO C 23 -9.87 20.12 -3.93
CA PRO C 23 -10.25 21.17 -2.98
C PRO C 23 -9.03 21.68 -2.23
N THR C 24 -8.91 22.99 -2.06
CA THR C 24 -7.72 23.50 -1.42
C THR C 24 -7.84 23.37 0.11
N ARG C 25 -6.71 23.57 0.78
CA ARG C 25 -6.71 23.55 2.24
C ARG C 25 -7.73 24.54 2.78
N GLU C 26 -7.85 25.68 2.12
CA GLU C 26 -8.81 26.70 2.50
C GLU C 26 -10.24 26.31 2.14
N ASP C 27 -10.43 25.58 1.04
CA ASP C 27 -11.75 25.04 0.73
C ASP C 27 -12.26 24.16 1.86
N LEU C 28 -11.42 23.23 2.33
CA LEU C 28 -11.84 22.27 3.33
C LEU C 28 -12.22 22.96 4.63
N VAL C 29 -11.44 23.96 5.04
CA VAL C 29 -11.72 24.65 6.29
C VAL C 29 -13.03 25.43 6.20
N ALA C 30 -13.27 26.11 5.06
CA ALA C 30 -14.48 26.92 4.93
C ALA C 30 -15.73 26.05 5.02
N THR C 31 -15.73 24.89 4.36
CA THR C 31 -16.90 24.02 4.48
C THR C 31 -17.10 23.55 5.92
N ALA C 32 -16.01 23.35 6.67
CA ALA C 32 -16.17 22.91 8.05
C ALA C 32 -16.64 24.06 8.94
N LYS C 33 -16.13 25.27 8.69
CA LYS C 33 -16.64 26.43 9.42
C LYS C 33 -18.13 26.63 9.15
N LEU C 34 -18.56 26.37 7.92
CA LEU C 34 -19.98 26.50 7.60
C LEU C 34 -20.77 25.42 8.32
N PHE C 35 -20.25 24.20 8.36
CA PHE C 35 -20.89 23.17 9.16
C PHE C 35 -21.05 23.64 10.60
N ILE C 36 -20.00 24.22 11.17
CA ILE C 36 -20.09 24.73 12.54
C ILE C 36 -21.16 25.81 12.65
N ALA C 37 -21.20 26.74 11.68
CA ALA C 37 -22.18 27.82 11.74
C ALA C 37 -23.60 27.27 11.74
N LYS C 38 -23.91 26.37 10.80
CA LYS C 38 -25.25 25.79 10.77
C LYS C 38 -25.49 24.91 11.98
N TYR C 39 -24.43 24.35 12.55
CA TYR C 39 -24.56 23.56 13.77
C TYR C 39 -25.02 24.44 14.92
N ASN C 40 -24.52 25.67 14.99
CA ASN C 40 -24.92 26.55 16.08
C ASN C 40 -26.36 27.04 15.91
N GLU C 41 -26.89 27.05 14.68
CA GLU C 41 -28.32 27.34 14.50
C GLU C 41 -29.19 26.28 15.14
N PHE C 42 -28.74 25.02 15.16
CA PHE C 42 -29.26 23.99 16.04
C PHE C 42 -30.72 23.64 15.77
N THR C 43 -31.06 23.48 14.49
CA THR C 43 -32.34 22.92 14.13
C THR C 43 -32.11 21.60 13.41
N PRO C 44 -33.06 20.68 13.44
CA PRO C 44 -32.89 19.43 12.67
C PRO C 44 -32.51 19.70 11.22
N GLU C 45 -33.01 20.78 10.61
CA GLU C 45 -32.69 21.10 9.23
C GLU C 45 -31.29 21.69 9.09
N SER C 46 -30.93 22.63 9.96
CA SER C 46 -29.63 23.29 9.81
C SER C 46 -28.48 22.31 10.01
N ILE C 47 -28.64 21.37 10.93
CA ILE C 47 -27.54 20.47 11.24
C ILE C 47 -27.32 19.43 10.15
N ILE C 48 -28.21 19.35 9.17
CA ILE C 48 -27.95 18.48 8.01
C ILE C 48 -27.71 19.26 6.74
N SER C 49 -27.86 20.59 6.75
CA SER C 49 -27.81 21.36 5.51
C SER C 49 -26.45 21.28 4.83
N VAL C 50 -25.39 21.01 5.59
CA VAL C 50 -24.05 20.96 5.04
C VAL C 50 -23.57 19.52 4.88
N ARG C 51 -24.48 18.56 4.89
CA ARG C 51 -24.13 17.15 4.85
C ARG C 51 -24.59 16.50 3.55
N THR C 52 -23.86 15.49 3.11
CA THR C 52 -24.29 14.68 1.98
C THR C 52 -25.45 13.80 2.42
N PRO C 53 -26.23 13.29 1.47
CA PRO C 53 -27.40 12.48 1.88
C PRO C 53 -27.03 11.15 2.50
N ASN C 54 -25.89 10.58 2.18
CA ASN C 54 -25.48 9.30 2.75
C ASN C 54 -24.52 9.47 3.92
N SER C 55 -24.15 10.70 4.27
CA SER C 55 -23.18 10.93 5.32
C SER C 55 -23.61 10.27 6.63
N VAL C 56 -22.63 9.84 7.41
CA VAL C 56 -22.87 9.34 8.76
C VAL C 56 -22.02 10.12 9.76
N SER C 57 -22.55 10.23 10.96
CA SER C 57 -21.89 10.82 12.09
C SER C 57 -21.51 9.73 13.09
N HIS C 58 -20.25 9.63 13.48
CA HIS C 58 -19.85 8.67 14.52
C HIS C 58 -19.51 9.43 15.78
N ARG C 59 -19.99 8.95 16.92
CA ARG C 59 -19.59 9.47 18.22
C ARG C 59 -18.50 8.55 18.77
N LEU C 60 -17.34 9.14 19.08
CA LEU C 60 -16.18 8.40 19.55
C LEU C 60 -16.33 7.92 21.00
N PHE C 61 -15.49 6.93 21.36
CA PHE C 61 -15.24 6.36 22.68
C PHE C 61 -16.29 5.31 23.01
N PRO C 62 -15.89 4.19 23.62
CA PRO C 62 -16.84 3.10 23.86
C PRO C 62 -18.06 3.46 24.68
N THR C 63 -17.95 4.31 25.70
CA THR C 63 -19.14 4.54 26.54
C THR C 63 -20.19 5.41 25.84
N ARG C 64 -19.89 6.04 24.71
CA ARG C 64 -20.93 6.77 23.99
C ARG C 64 -20.91 6.46 22.51
N ASN C 65 -20.50 5.26 22.11
CA ASN C 65 -20.38 5.02 20.68
C ASN C 65 -21.76 5.03 20.03
N ALA C 66 -21.80 5.57 18.81
CA ALA C 66 -23.06 5.78 18.11
C ALA C 66 -22.74 6.16 16.67
N THR C 67 -23.59 5.71 15.75
CA THR C 67 -23.51 6.06 14.34
C THR C 67 -24.89 6.49 13.86
N ARG C 68 -24.96 7.67 13.24
CA ARG C 68 -26.24 8.27 12.87
C ARG C 68 -26.21 8.75 11.43
N ASN C 69 -27.13 8.23 10.62
CA ASN C 69 -27.36 8.78 9.28
C ASN C 69 -28.11 10.11 9.42
N ILE C 70 -28.52 10.66 8.29
CA ILE C 70 -29.19 11.97 8.31
C ILE C 70 -30.48 11.91 9.12
N GLY C 71 -31.26 10.84 8.94
CA GLY C 71 -32.52 10.73 9.65
C GLY C 71 -32.35 10.71 11.15
N GLU C 72 -31.48 9.83 11.63
CA GLU C 72 -31.30 9.71 13.08
C GLU C 72 -30.71 11.00 13.67
N SER C 73 -29.83 11.66 12.91
CA SER C 73 -29.27 12.93 13.36
C SER C 73 -30.35 13.99 13.58
N MET C 74 -31.31 14.11 12.65
CA MET C 74 -32.40 15.05 12.85
C MET C 74 -33.21 14.72 14.09
N GLU C 75 -33.53 13.44 14.27
CA GLU C 75 -34.30 13.02 15.43
C GLU C 75 -33.52 13.28 16.72
N ALA C 76 -32.22 13.04 16.72
CA ALA C 76 -31.42 13.28 17.91
C ALA C 76 -31.36 14.78 18.21
N CYS C 77 -31.21 15.60 17.17
CA CYS C 77 -31.22 17.05 17.37
C CYS C 77 -32.57 17.53 17.90
N ALA C 78 -33.66 17.02 17.34
CA ALA C 78 -34.97 17.43 17.83
C ALA C 78 -35.12 17.07 19.30
N ASN C 79 -34.75 15.85 19.67
CA ASN C 79 -34.80 15.45 21.08
C ASN C 79 -33.93 16.35 21.95
N ALA C 80 -32.71 16.64 21.48
CA ALA C 80 -31.79 17.43 22.28
C ALA C 80 -32.30 18.85 22.49
N LYS C 81 -33.13 19.35 21.55
CA LYS C 81 -33.71 20.69 21.67
C LYS C 81 -34.72 20.77 22.83
N GLU C 82 -35.19 19.63 23.35
CA GLU C 82 -36.05 19.66 24.53
C GLU C 82 -35.29 20.02 25.80
N VAL C 83 -33.95 19.94 25.77
CA VAL C 83 -33.13 20.22 26.94
C VAL C 83 -32.22 21.42 26.70
N PHE C 84 -31.62 21.50 25.52
CA PHE C 84 -30.71 22.59 25.17
C PHE C 84 -31.51 23.69 24.52
N LYS C 85 -31.57 24.84 25.18
CA LYS C 85 -32.29 26.01 24.66
C LYS C 85 -31.42 26.73 23.63
N SER C 86 -30.11 26.75 23.87
CA SER C 86 -29.18 27.37 22.95
C SER C 86 -27.84 26.66 23.07
N LEU C 87 -27.10 26.64 21.96
CA LEU C 87 -25.86 25.88 21.87
C LEU C 87 -24.87 26.63 21.00
N THR C 88 -23.65 26.80 21.51
CA THR C 88 -22.59 27.41 20.72
C THR C 88 -21.34 26.56 20.83
N VAL C 89 -20.87 26.05 19.70
CA VAL C 89 -19.55 25.44 19.61
C VAL C 89 -18.66 26.43 18.88
N SER C 90 -17.44 26.58 19.36
CA SER C 90 -16.52 27.58 18.84
C SER C 90 -15.14 26.97 18.70
N VAL C 91 -14.47 27.28 17.59
CA VAL C 91 -13.08 26.90 17.46
C VAL C 91 -12.28 27.67 18.50
N ILE C 92 -11.53 26.95 19.33
CA ILE C 92 -10.74 27.65 20.35
C ILE C 92 -9.61 28.43 19.70
N ASP C 93 -8.92 27.82 18.74
CA ASP C 93 -7.67 28.39 18.20
C ASP C 93 -7.51 27.93 16.76
N ASP C 94 -7.65 28.87 15.83
CA ASP C 94 -7.45 28.56 14.42
C ASP C 94 -6.07 27.97 14.16
N ASN C 95 -5.08 28.32 14.97
CA ASN C 95 -3.73 27.83 14.71
C ASN C 95 -3.56 26.35 15.04
N ASP C 96 -4.50 25.74 15.76
CA ASP C 96 -4.42 24.34 16.14
C ASP C 96 -5.21 23.45 15.20
N THR C 97 -5.91 24.04 14.25
CA THR C 97 -6.71 23.26 13.31
C THR C 97 -5.81 22.37 12.45
N ILE C 98 -6.29 21.18 12.16
CA ILE C 98 -5.55 20.19 11.40
C ILE C 98 -6.29 19.96 10.09
N VAL C 99 -5.57 20.03 8.97
CA VAL C 99 -6.18 19.80 7.68
C VAL C 99 -5.38 18.78 6.90
N ASP C 100 -6.06 17.77 6.38
CA ASP C 100 -5.46 16.70 5.59
C ASP C 100 -6.05 16.79 4.18
N GLU C 101 -5.32 17.45 3.28
CA GLU C 101 -5.81 17.58 1.90
C GLU C 101 -5.93 16.24 1.19
N ARG C 102 -5.05 15.29 1.50
CA ARG C 102 -5.13 14.02 0.79
C ARG C 102 -6.41 13.26 1.16
N THR C 103 -6.79 13.26 2.43
CA THR C 103 -8.02 12.58 2.85
C THR C 103 -9.20 13.54 3.03
N ARG C 104 -9.00 14.83 2.80
CA ARG C 104 -10.08 15.84 2.87
C ARG C 104 -10.68 15.92 4.27
N LYS C 105 -9.82 15.86 5.28
CA LYS C 105 -10.27 15.89 6.66
C LYS C 105 -9.85 17.19 7.34
N VAL C 106 -10.75 17.72 8.16
CA VAL C 106 -10.48 18.86 9.03
C VAL C 106 -10.73 18.42 10.47
N VAL C 107 -9.88 18.87 11.38
CA VAL C 107 -10.04 18.57 12.79
C VAL C 107 -10.08 19.89 13.54
N PHE C 108 -11.14 20.09 14.32
CA PHE C 108 -11.32 21.22 15.21
C PHE C 108 -11.31 20.75 16.65
N TYR C 109 -10.65 21.49 17.52
CA TYR C 109 -10.85 21.38 18.96
C TYR C 109 -11.74 22.55 19.39
N LEU C 110 -12.89 22.24 20.00
CA LEU C 110 -13.96 23.22 20.15
C LEU C 110 -14.42 23.33 21.59
N ALA C 111 -14.63 24.57 22.04
CA ALA C 111 -15.37 24.82 23.27
C ALA C 111 -16.87 24.77 22.97
N SER C 112 -17.64 24.07 23.79
CA SER C 112 -19.07 24.02 23.66
C SER C 112 -19.71 24.71 24.86
N ARG C 113 -20.75 25.48 24.58
CA ARG C 113 -21.40 26.31 25.59
C ARG C 113 -22.89 26.23 25.34
N GLY C 114 -23.63 25.72 26.31
CA GLY C 114 -25.03 25.47 26.17
C GLY C 114 -25.84 26.18 27.24
N ASP C 115 -27.07 26.52 26.89
CA ASP C 115 -28.06 26.98 27.85
C ASP C 115 -29.15 25.91 27.86
N THR C 116 -29.41 25.35 29.02
CA THR C 116 -30.22 24.13 29.13
C THR C 116 -31.19 24.30 30.27
N ILE C 117 -32.17 23.39 30.35
CA ILE C 117 -33.17 23.45 31.40
C ILE C 117 -32.64 23.15 32.79
N VAL C 118 -31.38 22.72 32.94
CA VAL C 118 -30.77 22.55 34.25
C VAL C 118 -29.55 23.45 34.42
N GLY C 119 -29.46 24.52 33.65
CA GLY C 119 -28.36 25.44 33.78
C GLY C 119 -27.37 25.35 32.63
N GLU C 120 -26.20 25.88 32.86
CA GLU C 120 -25.23 26.02 31.78
C GLU C 120 -24.55 24.69 31.48
N TRP C 121 -24.29 24.49 30.19
CA TRP C 121 -23.42 23.43 29.69
C TRP C 121 -22.13 24.10 29.27
N LYS C 122 -21.00 23.66 29.85
CA LYS C 122 -19.67 24.16 29.49
C LYS C 122 -18.76 22.96 29.31
N SER C 123 -18.23 22.78 28.12
CA SER C 123 -17.40 21.60 27.85
C SER C 123 -16.53 21.87 26.64
N GLU C 124 -15.85 20.83 26.17
CA GLU C 124 -14.94 20.90 25.05
C GLU C 124 -15.09 19.62 24.26
N CYS C 125 -14.86 19.71 22.96
CA CYS C 125 -14.99 18.55 22.09
C CYS C 125 -14.07 18.71 20.90
N ILE C 126 -13.73 17.57 20.29
CA ILE C 126 -12.96 17.51 19.07
C ILE C 126 -13.90 17.00 17.99
N PHE C 127 -13.90 17.67 16.84
CA PHE C 127 -14.71 17.29 15.68
C PHE C 127 -13.83 17.01 14.48
N ILE C 128 -14.13 15.92 13.81
CA ILE C 128 -13.40 15.50 12.62
C ILE C 128 -14.39 15.45 11.47
N PHE C 129 -14.14 16.24 10.44
CA PHE C 129 -14.95 16.27 9.23
C PHE C 129 -14.17 15.68 8.08
N GLN C 130 -14.81 14.79 7.32
CA GLN C 130 -14.31 14.37 6.01
C GLN C 130 -15.21 14.94 4.92
N MET C 131 -14.64 15.77 4.07
CA MET C 131 -15.41 16.43 3.03
C MET C 131 -15.65 15.52 1.84
N SER C 132 -16.68 15.86 1.07
CA SER C 132 -17.00 15.24 -0.20
C SER C 132 -15.90 15.56 -1.22
N GLU C 133 -15.91 14.82 -2.34
CA GLU C 133 -14.87 14.98 -3.34
C GLU C 133 -14.71 16.44 -3.77
N ASP C 134 -15.82 17.12 -4.06
CA ASP C 134 -15.71 18.54 -4.40
C ASP C 134 -15.42 19.42 -3.19
N GLY C 135 -15.54 18.89 -1.96
CA GLY C 135 -15.21 19.66 -0.79
C GLY C 135 -16.23 20.69 -0.39
N LYS C 136 -17.44 20.63 -0.93
CA LYS C 136 -18.48 21.58 -0.58
C LYS C 136 -19.39 21.07 0.52
N LEU C 137 -19.45 19.76 0.73
CA LEU C 137 -20.32 19.16 1.72
C LEU C 137 -19.51 18.31 2.68
N VAL C 138 -20.12 17.98 3.82
CA VAL C 138 -19.51 17.09 4.81
C VAL C 138 -20.02 15.69 4.58
N ASP C 139 -19.09 14.77 4.30
CA ASP C 139 -19.47 13.40 4.01
C ASP C 139 -19.37 12.48 5.21
N ARG C 140 -18.58 12.85 6.23
CA ARG C 140 -18.42 11.98 7.38
C ARG C 140 -17.96 12.81 8.57
N ILE C 141 -18.43 12.44 9.77
CA ILE C 141 -18.18 13.19 10.99
C ILE C 141 -17.81 12.23 12.11
N TRP C 142 -16.78 12.57 12.85
CA TRP C 142 -16.50 11.90 14.11
C TRP C 142 -16.45 12.98 15.18
N ALA C 143 -17.11 12.73 16.29
CA ALA C 143 -17.14 13.70 17.38
C ALA C 143 -16.65 13.02 18.65
N GLY C 144 -15.72 13.67 19.33
CA GLY C 144 -15.24 13.18 20.61
C GLY C 144 -15.63 14.12 21.71
N PHE C 145 -16.49 13.66 22.62
CA PHE C 145 -17.00 14.44 23.73
C PHE C 145 -16.38 14.00 25.04
N ASP C 146 -16.45 14.89 26.02
CA ASP C 146 -16.02 14.62 27.38
C ASP C 146 -17.11 13.76 27.99
N THR C 147 -16.90 12.45 27.98
CA THR C 147 -18.00 11.53 28.32
C THR C 147 -18.33 11.55 29.82
N ALA C 148 -17.36 11.85 30.68
CA ALA C 148 -17.70 11.98 32.10
C ALA C 148 -18.60 13.18 32.33
N TYR C 149 -18.41 14.25 31.55
CA TYR C 149 -19.25 15.41 31.72
C TYR C 149 -20.66 15.12 31.22
N MET C 150 -20.80 14.34 30.15
CA MET C 150 -22.13 13.93 29.71
C MET C 150 -22.84 13.15 30.80
N ASP C 151 -22.13 12.26 31.49
CA ASP C 151 -22.75 11.52 32.60
C ASP C 151 -23.16 12.45 33.74
N GLU C 152 -22.33 13.46 34.01
CA GLU C 152 -22.65 14.43 35.05
C GLU C 152 -23.84 15.33 34.64
N PHE C 153 -23.94 15.66 33.35
CA PHE C 153 -25.07 16.44 32.88
C PHE C 153 -26.36 15.63 32.95
N GLU C 154 -26.31 14.38 32.50
CA GLU C 154 -27.46 13.49 32.65
C GLU C 154 -27.80 13.25 34.12
N SER C 155 -26.82 13.38 35.01
CA SER C 155 -27.13 13.35 36.44
C SER C 155 -27.90 14.58 36.86
N ARG C 156 -27.50 15.76 36.34
CA ARG C 156 -28.23 16.98 36.64
C ARG C 156 -29.68 16.86 36.21
N LEU C 157 -29.93 16.23 35.06
CA LEU C 157 -31.30 16.08 34.56
C LEU C 157 -32.13 15.17 35.45
N ASP C 158 -31.50 14.10 35.98
CA ASP C 158 -32.16 13.18 36.90
C ASP C 158 -32.62 13.89 38.17
N GLY C 159 -32.10 15.08 38.46
CA GLY C 159 -32.49 15.83 39.63
C GLY C 159 -33.62 16.82 39.46
N ILE C 160 -34.17 17.01 38.26
CA ILE C 160 -35.34 17.90 38.10
C ILE C 160 -36.44 17.41 39.01
N THR C 161 -37.04 18.32 39.78
CA THR C 161 -37.80 17.86 40.94
C THR C 161 -39.12 18.56 41.20
N PHE C 162 -39.37 19.78 40.73
CA PHE C 162 -40.60 20.48 41.11
C PHE C 162 -40.84 20.55 42.63
N PRO D 23 12.59 1.94 -7.72
CA PRO D 23 12.87 0.49 -7.82
C PRO D 23 11.61 -0.32 -8.05
N THR D 24 11.52 -0.97 -9.19
CA THR D 24 10.30 -1.72 -9.43
C THR D 24 10.29 -3.01 -8.63
N ARG D 25 9.13 -3.65 -8.64
CA ARG D 25 8.99 -4.98 -8.06
C ARG D 25 10.11 -5.90 -8.53
N GLU D 26 10.38 -5.89 -9.84
CA GLU D 26 11.30 -6.85 -10.44
C GLU D 26 12.75 -6.48 -10.19
N ASP D 27 13.06 -5.19 -10.10
CA ASP D 27 14.37 -4.80 -9.59
C ASP D 27 14.59 -5.39 -8.21
N LEU D 28 13.62 -5.21 -7.31
CA LEU D 28 13.76 -5.68 -5.94
C LEU D 28 13.99 -7.19 -5.89
N VAL D 29 13.19 -7.96 -6.64
CA VAL D 29 13.31 -9.41 -6.60
C VAL D 29 14.66 -9.86 -7.17
N ALA D 30 15.12 -9.19 -8.23
CA ALA D 30 16.38 -9.59 -8.86
C ALA D 30 17.57 -9.27 -7.97
N THR D 31 17.57 -8.11 -7.30
CA THR D 31 18.65 -7.83 -6.36
C THR D 31 18.71 -8.90 -5.27
N ALA D 32 17.57 -9.30 -4.71
CA ALA D 32 17.58 -10.28 -3.64
C ALA D 32 17.96 -11.66 -4.16
N LYS D 33 17.54 -12.00 -5.39
CA LYS D 33 17.97 -13.27 -5.99
C LYS D 33 19.46 -13.26 -6.26
N LEU D 34 20.02 -12.09 -6.56
CA LEU D 34 21.46 -11.99 -6.69
C LEU D 34 22.15 -12.23 -5.35
N PHE D 35 21.52 -11.78 -4.25
CA PHE D 35 22.08 -12.05 -2.93
C PHE D 35 22.10 -13.55 -2.66
N ILE D 36 21.00 -14.24 -2.98
CA ILE D 36 20.93 -15.69 -2.81
C ILE D 36 22.03 -16.36 -3.64
N ALA D 37 22.15 -15.95 -4.91
CA ALA D 37 23.19 -16.45 -5.79
C ALA D 37 24.56 -16.33 -5.15
N LYS D 38 24.95 -15.11 -4.76
CA LYS D 38 26.26 -14.92 -4.14
C LYS D 38 26.35 -15.60 -2.79
N TYR D 39 25.22 -15.76 -2.09
CA TYR D 39 25.24 -16.46 -0.81
C TYR D 39 25.64 -17.91 -1.00
N ASN D 40 25.09 -18.57 -2.02
CA ASN D 40 25.35 -19.98 -2.26
C ASN D 40 26.78 -20.26 -2.69
N GLU D 41 27.50 -19.27 -3.23
CA GLU D 41 28.94 -19.44 -3.40
C GLU D 41 29.62 -19.73 -2.06
N PHE D 42 29.07 -19.18 -0.98
CA PHE D 42 29.44 -19.55 0.38
C PHE D 42 30.92 -19.24 0.66
N THR D 43 31.30 -17.99 0.44
CA THR D 43 32.57 -17.48 0.92
C THR D 43 32.30 -16.18 1.65
N PRO D 44 33.17 -15.79 2.59
CA PRO D 44 32.95 -14.53 3.33
C PRO D 44 32.77 -13.32 2.43
N GLU D 45 33.37 -13.33 1.24
CA GLU D 45 33.25 -12.16 0.37
C GLU D 45 31.96 -12.22 -0.43
N SER D 46 31.58 -13.42 -0.88
CA SER D 46 30.37 -13.56 -1.68
C SER D 46 29.11 -13.24 -0.88
N ILE D 47 29.12 -13.46 0.44
CA ILE D 47 27.94 -13.18 1.25
C ILE D 47 27.84 -11.71 1.64
N ILE D 48 28.87 -10.92 1.37
CA ILE D 48 28.80 -9.47 1.56
C ILE D 48 28.74 -8.70 0.24
N SER D 49 28.91 -9.37 -0.91
CA SER D 49 29.12 -8.64 -2.16
C SER D 49 27.91 -7.81 -2.58
N VAL D 50 26.69 -8.29 -2.31
CA VAL D 50 25.48 -7.58 -2.68
C VAL D 50 24.94 -6.77 -1.50
N ARG D 51 25.82 -6.33 -0.61
CA ARG D 51 25.38 -5.63 0.60
C ARG D 51 26.02 -4.26 0.69
N THR D 52 25.22 -3.25 1.07
CA THR D 52 25.74 -1.92 1.34
C THR D 52 26.76 -1.99 2.47
N PRO D 53 27.69 -1.03 2.51
CA PRO D 53 28.74 -1.10 3.56
C PRO D 53 28.22 -0.96 4.98
N ASN D 54 27.18 -0.15 5.24
CA ASN D 54 26.64 0.02 6.59
C ASN D 54 25.47 -0.91 6.91
N SER D 55 25.25 -1.93 6.10
CA SER D 55 24.10 -2.81 6.28
C SER D 55 24.24 -3.62 7.57
N VAL D 56 23.11 -3.98 8.15
CA VAL D 56 23.11 -4.88 9.29
C VAL D 56 22.25 -6.09 8.96
N SER D 57 22.62 -7.21 9.56
CA SER D 57 21.91 -8.47 9.42
C SER D 57 21.31 -8.82 10.77
N HIS D 58 20.00 -9.02 10.82
CA HIS D 58 19.31 -9.35 12.06
C HIS D 58 18.85 -10.80 12.03
N ARG D 59 19.15 -11.51 13.11
CA ARG D 59 18.58 -12.83 13.33
C ARG D 59 17.34 -12.69 14.21
N LEU D 60 16.21 -13.16 13.70
CA LEU D 60 14.95 -13.10 14.45
C LEU D 60 14.93 -14.13 15.58
N PHE D 61 14.01 -13.90 16.54
CA PHE D 61 13.61 -14.75 17.66
C PHE D 61 14.52 -14.59 18.87
N PRO D 62 13.93 -14.50 20.06
CA PRO D 62 14.75 -14.29 21.27
C PRO D 62 15.88 -15.30 21.47
N THR D 63 15.62 -16.60 21.29
CA THR D 63 16.67 -17.57 21.63
C THR D 63 17.89 -17.44 20.74
N ARG D 64 17.78 -16.76 19.61
CA ARG D 64 18.90 -16.61 18.69
C ARG D 64 19.11 -15.15 18.28
N ASN D 65 18.59 -14.21 19.06
CA ASN D 65 18.63 -12.82 18.65
C ASN D 65 20.08 -12.35 18.44
N ALA D 66 20.32 -11.65 17.33
CA ALA D 66 21.69 -11.28 16.97
C ALA D 66 21.67 -10.22 15.87
N THR D 67 22.67 -9.34 15.91
CA THR D 67 22.85 -8.28 14.94
C THR D 67 24.31 -8.26 14.50
N ARG D 68 24.54 -8.23 13.20
CA ARG D 68 25.88 -8.32 12.64
C ARG D 68 26.05 -7.31 11.52
N ASN D 69 27.12 -6.51 11.59
CA ASN D 69 27.49 -5.68 10.46
C ASN D 69 28.38 -6.50 9.51
N ILE D 70 28.85 -5.86 8.44
CA ILE D 70 29.54 -6.58 7.36
C ILE D 70 30.73 -7.37 7.88
N GLY D 71 31.52 -6.76 8.79
CA GLY D 71 32.68 -7.46 9.29
C GLY D 71 32.30 -8.71 10.06
N GLU D 72 31.30 -8.58 10.94
CA GLU D 72 30.86 -9.71 11.76
C GLU D 72 30.22 -10.81 10.93
N SER D 73 29.56 -10.45 9.82
CA SER D 73 29.04 -11.48 8.93
C SER D 73 30.15 -12.22 8.22
N MET D 74 31.25 -11.53 7.88
CA MET D 74 32.37 -12.19 7.23
C MET D 74 33.05 -13.17 8.17
N GLU D 75 33.22 -12.77 9.44
CA GLU D 75 33.82 -13.68 10.42
C GLU D 75 32.91 -14.87 10.69
N ALA D 76 31.61 -14.61 10.91
CA ALA D 76 30.68 -15.68 11.20
C ALA D 76 30.62 -16.69 10.06
N CYS D 77 30.66 -16.20 8.81
CA CYS D 77 30.70 -17.08 7.65
C CYS D 77 31.99 -17.92 7.62
N ALA D 78 33.12 -17.32 7.98
CA ALA D 78 34.37 -18.07 8.02
C ALA D 78 34.31 -19.18 9.06
N ASN D 79 33.91 -18.83 10.28
CA ASN D 79 33.70 -19.84 11.32
C ASN D 79 32.75 -20.92 10.84
N ALA D 80 31.67 -20.54 10.14
CA ALA D 80 30.71 -21.53 9.67
C ALA D 80 31.32 -22.47 8.64
N LYS D 81 32.25 -21.96 7.81
CA LYS D 81 32.87 -22.80 6.79
C LYS D 81 33.71 -23.91 7.39
N GLU D 82 34.18 -23.76 8.63
CA GLU D 82 34.88 -24.83 9.31
C GLU D 82 33.97 -26.00 9.65
N VAL D 83 32.66 -25.78 9.73
CA VAL D 83 31.70 -26.84 10.00
C VAL D 83 30.96 -27.25 8.74
N PHE D 84 30.63 -26.30 7.88
CA PHE D 84 29.85 -26.55 6.68
C PHE D 84 30.80 -26.73 5.50
N LYS D 85 30.77 -27.92 4.90
CA LYS D 85 31.53 -28.12 3.68
C LYS D 85 30.80 -27.50 2.49
N SER D 86 29.49 -27.70 2.42
CA SER D 86 28.67 -27.02 1.44
C SER D 86 27.39 -26.55 2.09
N LEU D 87 26.78 -25.55 1.47
CA LEU D 87 25.53 -24.98 1.92
C LEU D 87 24.85 -24.39 0.70
N THR D 88 23.58 -24.72 0.50
CA THR D 88 22.80 -24.04 -0.54
C THR D 88 21.43 -23.70 0.02
N VAL D 89 20.99 -22.46 -0.19
CA VAL D 89 19.61 -22.07 0.04
C VAL D 89 18.99 -21.78 -1.30
N SER D 90 17.77 -22.26 -1.50
CA SER D 90 17.04 -21.92 -2.72
C SER D 90 15.61 -21.59 -2.35
N VAL D 91 15.01 -20.69 -3.15
CA VAL D 91 13.62 -20.36 -2.99
C VAL D 91 12.77 -21.59 -3.26
N ILE D 92 11.88 -21.91 -2.33
CA ILE D 92 11.08 -23.12 -2.48
C ILE D 92 10.03 -22.93 -3.56
N ASP D 93 9.42 -21.74 -3.63
CA ASP D 93 8.32 -21.49 -4.56
C ASP D 93 8.26 -19.99 -4.85
N ASP D 94 8.65 -19.61 -6.06
CA ASP D 94 8.63 -18.21 -6.45
C ASP D 94 7.26 -17.60 -6.31
N ASN D 95 6.20 -18.40 -6.27
CA ASN D 95 4.86 -17.85 -6.11
C ASN D 95 4.56 -17.39 -4.69
N ASP D 96 5.33 -17.83 -3.71
CA ASP D 96 5.10 -17.41 -2.33
C ASP D 96 5.90 -16.17 -1.96
N THR D 97 6.77 -15.71 -2.87
CA THR D 97 7.59 -14.55 -2.61
C THR D 97 6.74 -13.31 -2.39
N ILE D 98 7.18 -12.46 -1.46
CA ILE D 98 6.44 -11.28 -1.03
C ILE D 98 7.27 -10.06 -1.40
N VAL D 99 6.65 -9.08 -2.06
CA VAL D 99 7.39 -7.89 -2.48
C VAL D 99 6.65 -6.65 -2.04
N ASP D 100 7.36 -5.77 -1.35
CA ASP D 100 6.80 -4.50 -0.86
C ASP D 100 7.56 -3.35 -1.50
N GLU D 101 6.99 -2.78 -2.56
CA GLU D 101 7.69 -1.69 -3.27
C GLU D 101 7.82 -0.45 -2.40
N ARG D 102 6.85 -0.16 -1.55
CA ARG D 102 6.93 1.06 -0.76
C ARG D 102 8.13 1.04 0.19
N THR D 103 8.38 -0.09 0.83
CA THR D 103 9.50 -0.20 1.74
C THR D 103 10.67 -0.96 1.15
N ARG D 104 10.56 -1.40 -0.11
CA ARG D 104 11.66 -2.04 -0.83
C ARG D 104 12.09 -3.36 -0.18
N LYS D 105 11.11 -4.16 0.24
CA LYS D 105 11.41 -5.39 0.94
C LYS D 105 10.93 -6.59 0.13
N VAL D 106 11.72 -7.65 0.19
CA VAL D 106 11.40 -8.94 -0.41
C VAL D 106 11.46 -9.98 0.71
N VAL D 107 10.54 -10.94 0.67
CA VAL D 107 10.49 -12.02 1.65
C VAL D 107 10.59 -13.35 0.90
N PHE D 108 11.62 -14.13 1.23
CA PHE D 108 11.84 -15.48 0.71
C PHE D 108 11.59 -16.53 1.79
N TYR D 109 10.92 -17.60 1.41
CA TYR D 109 10.88 -18.83 2.20
C TYR D 109 11.83 -19.82 1.53
N LEU D 110 12.95 -20.11 2.18
CA LEU D 110 14.06 -20.82 1.57
C LEU D 110 14.22 -22.22 2.18
N ALA D 111 14.63 -23.16 1.34
CA ALA D 111 15.16 -24.43 1.81
C ALA D 111 16.68 -24.31 1.90
N SER D 112 17.25 -24.76 3.03
CA SER D 112 18.71 -24.79 3.21
C SER D 112 19.17 -26.23 3.29
N ARG D 113 20.11 -26.59 2.42
CA ARG D 113 20.69 -27.93 2.39
C ARG D 113 22.20 -27.81 2.57
N GLY D 114 22.74 -28.56 3.51
CA GLY D 114 24.16 -28.45 3.83
C GLY D 114 24.82 -29.79 4.06
N ASP D 115 26.10 -29.85 3.72
CA ASP D 115 26.96 -30.98 4.04
C ASP D 115 27.97 -30.50 5.08
N THR D 116 28.00 -31.17 6.24
CA THR D 116 28.79 -30.70 7.37
C THR D 116 29.61 -31.83 7.98
N ILE D 117 30.52 -31.42 8.87
CA ILE D 117 31.39 -32.35 9.57
C ILE D 117 30.63 -33.32 10.46
N VAL D 118 29.35 -33.07 10.74
CA VAL D 118 28.55 -34.00 11.55
C VAL D 118 27.34 -34.46 10.77
N GLY D 119 27.44 -34.48 9.45
CA GLY D 119 26.36 -34.99 8.65
C GLY D 119 25.54 -33.90 8.00
N GLU D 120 24.30 -34.26 7.70
CA GLU D 120 23.49 -33.47 6.80
C GLU D 120 22.80 -32.33 7.56
N TRP D 121 22.85 -31.14 6.97
CA TRP D 121 22.03 -30.02 7.37
C TRP D 121 20.87 -29.95 6.39
N LYS D 122 19.65 -30.03 6.90
CA LYS D 122 18.45 -29.88 6.06
C LYS D 122 17.45 -29.07 6.87
N SER D 123 17.09 -27.88 6.38
CA SER D 123 16.20 -27.01 7.14
C SER D 123 15.55 -26.00 6.20
N GLU D 124 14.71 -25.13 6.76
CA GLU D 124 14.04 -24.06 6.04
C GLU D 124 14.20 -22.76 6.81
N CYS D 125 14.15 -21.64 6.08
CA CYS D 125 14.23 -20.35 6.75
C CYS D 125 13.56 -19.26 5.93
N ILE D 126 13.19 -18.19 6.63
CA ILE D 126 12.59 -17.02 6.01
C ILE D 126 13.63 -15.91 6.07
N PHE D 127 13.89 -15.31 4.92
CA PHE D 127 14.81 -14.18 4.80
C PHE D 127 14.02 -12.95 4.38
N ILE D 128 14.35 -11.82 4.97
CA ILE D 128 13.73 -10.56 4.62
C ILE D 128 14.84 -9.61 4.25
N PHE D 129 14.76 -9.08 3.03
CA PHE D 129 15.72 -8.12 2.52
C PHE D 129 15.05 -6.77 2.42
N GLN D 130 15.71 -5.73 2.92
CA GLN D 130 15.36 -4.38 2.53
C GLN D 130 16.46 -3.84 1.62
N MET D 131 16.05 -3.35 0.45
CA MET D 131 17.01 -2.89 -0.54
C MET D 131 17.42 -1.44 -0.27
N SER D 132 18.52 -1.05 -0.89
CA SER D 132 18.96 0.33 -0.94
C SER D 132 17.95 1.18 -1.70
N GLU D 133 18.11 2.51 -1.63
CA GLU D 133 17.18 3.39 -2.32
C GLU D 133 17.17 3.13 -3.83
N ASP D 134 18.34 2.88 -4.41
CA ASP D 134 18.43 2.62 -5.84
C ASP D 134 18.09 1.17 -6.19
N GLY D 135 17.81 0.33 -5.20
CA GLY D 135 17.36 -1.03 -5.46
C GLY D 135 18.42 -2.01 -5.87
N LYS D 136 19.71 -1.65 -5.78
CA LYS D 136 20.78 -2.46 -6.33
C LYS D 136 21.50 -3.31 -5.30
N LEU D 137 21.40 -2.96 -4.02
CA LEU D 137 22.11 -3.66 -2.97
C LEU D 137 21.14 -3.97 -1.84
N VAL D 138 21.55 -4.88 -0.98
CA VAL D 138 20.81 -5.18 0.24
C VAL D 138 21.30 -4.26 1.34
N ASP D 139 20.38 -3.55 1.99
CA ASP D 139 20.70 -2.65 3.09
C ASP D 139 20.32 -3.21 4.46
N ARG D 140 19.31 -4.08 4.55
CA ARG D 140 19.01 -4.74 5.81
C ARG D 140 18.55 -6.16 5.55
N ILE D 141 18.95 -7.07 6.43
CA ILE D 141 18.54 -8.47 6.37
C ILE D 141 17.94 -8.87 7.70
N TRP D 142 16.79 -9.55 7.66
CA TRP D 142 16.26 -10.27 8.80
C TRP D 142 16.15 -11.71 8.38
N ALA D 143 16.70 -12.62 9.20
CA ALA D 143 16.59 -14.04 8.96
C ALA D 143 15.96 -14.72 10.16
N GLY D 144 14.94 -15.52 9.91
CA GLY D 144 14.34 -16.35 10.93
C GLY D 144 14.60 -17.81 10.62
N PHE D 145 15.37 -18.47 11.48
CA PHE D 145 15.69 -19.87 11.29
C PHE D 145 14.86 -20.74 12.22
N ASP D 146 14.98 -22.05 12.02
CA ASP D 146 14.37 -23.04 12.89
C ASP D 146 15.27 -23.18 14.11
N THR D 147 14.92 -22.50 15.22
CA THR D 147 15.86 -22.41 16.33
C THR D 147 16.00 -23.74 17.07
N ALA D 148 14.95 -24.55 17.11
CA ALA D 148 15.10 -25.87 17.68
C ALA D 148 16.12 -26.68 16.88
N TYR D 149 16.05 -26.59 15.55
CA TYR D 149 16.98 -27.32 14.72
C TYR D 149 18.41 -26.83 14.93
N MET D 150 18.59 -25.51 15.08
CA MET D 150 19.92 -24.99 15.38
C MET D 150 20.46 -25.58 16.69
N ASP D 151 19.60 -25.66 17.72
CA ASP D 151 20.02 -26.26 18.98
C ASP D 151 20.38 -27.74 18.82
N GLU D 152 19.56 -28.50 18.07
CA GLU D 152 19.84 -29.90 17.85
C GLU D 152 21.16 -30.07 17.11
N PHE D 153 21.37 -29.28 16.07
CA PHE D 153 22.62 -29.34 15.32
C PHE D 153 23.82 -29.00 16.20
N GLU D 154 23.70 -27.94 17.01
CA GLU D 154 24.79 -27.62 17.93
C GLU D 154 25.08 -28.76 18.88
N SER D 155 24.05 -29.53 19.28
CA SER D 155 24.31 -30.65 20.17
C SER D 155 25.00 -31.78 19.42
N ARG D 156 24.66 -31.99 18.14
CA ARG D 156 25.44 -32.88 17.28
C ARG D 156 26.92 -32.51 17.32
N LEU D 157 27.24 -31.22 17.31
CA LEU D 157 28.64 -30.81 17.41
C LEU D 157 29.21 -31.12 18.78
N ASP D 158 28.44 -30.85 19.85
CA ASP D 158 28.89 -31.16 21.20
C ASP D 158 29.27 -32.64 21.35
N GLY D 159 28.97 -33.48 20.37
CA GLY D 159 29.25 -34.91 20.45
C GLY D 159 30.39 -35.44 19.62
N ILE D 160 31.21 -34.59 19.00
CA ILE D 160 32.43 -35.08 18.36
C ILE D 160 33.38 -35.54 19.45
N THR D 161 33.90 -36.77 19.31
CA THR D 161 34.50 -37.40 20.49
C THR D 161 35.74 -38.23 20.28
N PHE D 162 36.16 -38.55 19.05
CA PHE D 162 37.39 -39.32 18.87
C PHE D 162 37.43 -40.64 19.65
N PRO E 23 -21.77 7.09 -20.19
CA PRO E 23 -20.64 6.94 -19.25
C PRO E 23 -19.72 8.14 -19.25
N THR E 24 -19.14 8.46 -18.10
CA THR E 24 -18.25 9.60 -17.98
C THR E 24 -16.83 9.27 -18.42
N ARG E 25 -16.07 10.33 -18.72
CA ARG E 25 -14.62 10.24 -18.76
C ARG E 25 -14.09 9.44 -17.57
N GLU E 26 -14.58 9.77 -16.36
CA GLU E 26 -14.18 9.03 -15.17
C GLU E 26 -14.62 7.56 -15.26
N ASP E 27 -15.85 7.32 -15.71
CA ASP E 27 -16.32 5.95 -15.91
C ASP E 27 -15.39 5.17 -16.83
N LEU E 28 -15.03 5.79 -17.95
CA LEU E 28 -14.24 5.09 -18.97
C LEU E 28 -12.86 4.72 -18.43
N VAL E 29 -12.19 5.67 -17.77
CA VAL E 29 -10.87 5.40 -17.21
C VAL E 29 -10.94 4.29 -16.19
N ALA E 30 -11.96 4.32 -15.31
CA ALA E 30 -12.09 3.33 -14.26
C ALA E 30 -12.27 1.93 -14.83
N THR E 31 -13.05 1.80 -15.92
CA THR E 31 -13.18 0.47 -16.53
C THR E 31 -11.86 0.02 -17.12
N ALA E 32 -11.06 0.94 -17.65
CA ALA E 32 -9.76 0.57 -18.21
C ALA E 32 -8.74 0.22 -17.13
N LYS E 33 -8.82 0.87 -15.96
CA LYS E 33 -7.91 0.49 -14.88
C LYS E 33 -8.31 -0.87 -14.32
N LEU E 34 -9.61 -1.14 -14.27
CA LEU E 34 -10.06 -2.45 -13.85
C LEU E 34 -9.55 -3.53 -14.80
N PHE E 35 -9.57 -3.26 -16.10
CA PHE E 35 -9.05 -4.23 -17.04
C PHE E 35 -7.57 -4.47 -16.80
N ILE E 36 -6.82 -3.39 -16.54
CA ILE E 36 -5.38 -3.51 -16.29
C ILE E 36 -5.13 -4.28 -14.99
N ALA E 37 -5.94 -4.01 -13.95
CA ALA E 37 -5.77 -4.72 -12.69
C ALA E 37 -6.01 -6.22 -12.87
N LYS E 38 -7.10 -6.60 -13.56
CA LYS E 38 -7.36 -8.02 -13.77
C LYS E 38 -6.40 -8.63 -14.79
N TYR E 39 -5.80 -7.80 -15.65
CA TYR E 39 -4.73 -8.29 -16.51
C TYR E 39 -3.48 -8.58 -15.69
N ASN E 40 -3.20 -7.75 -14.70
CA ASN E 40 -2.04 -7.94 -13.84
C ASN E 40 -2.14 -9.19 -12.99
N GLU E 41 -3.36 -9.67 -12.74
CA GLU E 41 -3.52 -10.96 -12.08
C GLU E 41 -3.12 -12.09 -13.01
N PHE E 42 -3.23 -11.87 -14.32
CA PHE E 42 -2.59 -12.70 -15.34
C PHE E 42 -2.99 -14.16 -15.23
N THR E 43 -4.29 -14.41 -15.40
CA THR E 43 -4.81 -15.76 -15.55
C THR E 43 -5.74 -15.75 -16.75
N PRO E 44 -5.97 -16.90 -17.37
CA PRO E 44 -6.91 -16.94 -18.51
C PRO E 44 -8.30 -16.42 -18.16
N GLU E 45 -8.72 -16.53 -16.91
CA GLU E 45 -10.04 -16.05 -16.52
C GLU E 45 -10.02 -14.54 -16.29
N SER E 46 -8.97 -14.05 -15.62
CA SER E 46 -8.96 -12.64 -15.25
C SER E 46 -8.76 -11.73 -16.47
N ILE E 47 -8.01 -12.19 -17.47
CA ILE E 47 -7.74 -11.35 -18.65
C ILE E 47 -8.94 -11.21 -19.56
N ILE E 48 -10.00 -11.99 -19.34
CA ILE E 48 -11.25 -11.80 -20.08
C ILE E 48 -12.39 -11.31 -19.19
N SER E 49 -12.17 -11.14 -17.89
CA SER E 49 -13.28 -10.90 -16.97
C SER E 49 -13.89 -9.51 -17.14
N VAL E 50 -13.17 -8.55 -17.71
CA VAL E 50 -13.70 -7.20 -17.93
C VAL E 50 -14.04 -6.98 -19.41
N ARG E 51 -14.31 -8.05 -20.14
CA ARG E 51 -14.59 -7.97 -21.56
C ARG E 51 -16.01 -8.46 -21.85
N THR E 52 -16.61 -7.92 -22.90
CA THR E 52 -17.90 -8.42 -23.36
C THR E 52 -17.72 -9.76 -24.07
N PRO E 53 -18.69 -10.67 -23.97
CA PRO E 53 -18.50 -12.02 -24.53
C PRO E 53 -18.23 -12.05 -26.02
N ASN E 54 -18.42 -10.95 -26.74
CA ASN E 54 -18.15 -10.91 -28.17
C ASN E 54 -17.01 -9.97 -28.54
N SER E 55 -16.24 -9.50 -27.55
CA SER E 55 -15.17 -8.54 -27.81
C SER E 55 -14.02 -9.17 -28.59
N VAL E 56 -13.31 -8.33 -29.35
CA VAL E 56 -12.11 -8.80 -30.02
C VAL E 56 -10.92 -7.96 -29.58
N SER E 57 -9.77 -8.61 -29.55
CA SER E 57 -8.49 -7.98 -29.27
C SER E 57 -7.69 -7.92 -30.55
N HIS E 58 -7.18 -6.73 -30.88
CA HIS E 58 -6.36 -6.53 -32.07
C HIS E 58 -4.94 -6.21 -31.63
N ARG E 59 -3.97 -6.87 -32.24
CA ARG E 59 -2.58 -6.51 -32.09
C ARG E 59 -2.18 -5.66 -33.30
N LEU E 60 -1.64 -4.48 -33.05
CA LEU E 60 -1.26 -3.57 -34.12
C LEU E 60 0.08 -3.97 -34.75
N PHE E 61 0.35 -3.38 -35.92
CA PHE E 61 1.58 -3.47 -36.69
C PHE E 61 1.61 -4.73 -37.54
N PRO E 62 1.95 -4.62 -38.82
CA PRO E 62 1.81 -5.77 -39.73
C PRO E 62 2.63 -6.98 -39.34
N THR E 63 3.80 -6.82 -38.73
CA THR E 63 4.59 -8.02 -38.40
C THR E 63 4.01 -8.80 -37.23
N ARG E 64 3.05 -8.22 -36.47
CA ARG E 64 2.45 -8.99 -35.38
C ARG E 64 0.94 -8.95 -35.46
N ASN E 65 0.38 -8.71 -36.63
CA ASN E 65 -1.04 -8.55 -36.76
C ASN E 65 -1.77 -9.81 -36.31
N ALA E 66 -2.83 -9.62 -35.52
CA ALA E 66 -3.64 -10.71 -35.00
C ALA E 66 -4.94 -10.13 -34.46
N THR E 67 -5.97 -10.96 -34.44
CA THR E 67 -7.28 -10.61 -33.88
C THR E 67 -7.75 -11.81 -33.06
N ARG E 68 -8.03 -11.59 -31.77
CA ARG E 68 -8.35 -12.68 -30.86
C ARG E 68 -9.65 -12.42 -30.12
N ASN E 69 -10.57 -13.38 -30.19
CA ASN E 69 -11.81 -13.36 -29.41
C ASN E 69 -11.53 -13.88 -28.00
N ILE E 70 -12.59 -14.03 -27.20
CA ILE E 70 -12.42 -14.38 -25.80
C ILE E 70 -11.70 -15.72 -25.66
N GLY E 71 -12.12 -16.72 -26.43
CA GLY E 71 -11.43 -18.01 -26.40
C GLY E 71 -9.97 -17.88 -26.76
N GLU E 72 -9.67 -17.25 -27.89
CA GLU E 72 -8.28 -17.13 -28.34
C GLU E 72 -7.43 -16.39 -27.32
N SER E 73 -7.99 -15.38 -26.68
CA SER E 73 -7.24 -14.65 -25.66
C SER E 73 -6.94 -15.52 -24.45
N MET E 74 -7.89 -16.38 -24.05
CA MET E 74 -7.63 -17.30 -22.93
C MET E 74 -6.51 -18.27 -23.29
N GLU E 75 -6.61 -18.87 -24.48
CA GLU E 75 -5.58 -19.79 -24.97
C GLU E 75 -4.22 -19.12 -25.03
N ALA E 76 -4.14 -17.94 -25.65
CA ALA E 76 -2.87 -17.24 -25.74
C ALA E 76 -2.30 -16.92 -24.38
N CYS E 77 -3.18 -16.67 -23.41
CA CYS E 77 -2.72 -16.34 -22.07
C CYS E 77 -2.12 -17.57 -21.39
N ALA E 78 -2.78 -18.73 -21.56
CA ALA E 78 -2.28 -19.95 -20.96
C ALA E 78 -0.91 -20.31 -21.53
N ASN E 79 -0.75 -20.16 -22.85
CA ASN E 79 0.54 -20.40 -23.48
C ASN E 79 1.61 -19.45 -22.94
N ALA E 80 1.26 -18.18 -22.76
CA ALA E 80 2.25 -17.22 -22.31
C ALA E 80 2.65 -17.45 -20.86
N LYS E 81 1.82 -18.17 -20.10
CA LYS E 81 2.16 -18.49 -18.71
C LYS E 81 3.25 -19.56 -18.62
N GLU E 82 3.43 -20.36 -19.69
CA GLU E 82 4.56 -21.29 -19.72
C GLU E 82 5.89 -20.56 -19.72
N VAL E 83 5.93 -19.35 -20.28
CA VAL E 83 7.18 -18.60 -20.43
C VAL E 83 7.29 -17.49 -19.39
N PHE E 84 6.19 -16.81 -19.10
CA PHE E 84 6.24 -15.66 -18.20
C PHE E 84 5.94 -16.13 -16.78
N LYS E 85 6.88 -15.90 -15.88
CA LYS E 85 6.65 -16.22 -14.46
C LYS E 85 5.71 -15.18 -13.84
N SER E 86 6.19 -13.96 -13.70
CA SER E 86 5.38 -12.83 -13.30
C SER E 86 5.32 -11.83 -14.45
N LEU E 87 4.25 -11.04 -14.48
CA LEU E 87 4.07 -9.99 -15.47
C LEU E 87 3.32 -8.82 -14.85
N THR E 88 3.87 -7.61 -15.01
CA THR E 88 3.26 -6.41 -14.46
C THR E 88 3.24 -5.34 -15.53
N VAL E 89 2.04 -4.88 -15.89
CA VAL E 89 1.85 -3.77 -16.82
C VAL E 89 1.33 -2.58 -16.03
N SER E 90 1.91 -1.40 -16.27
CA SER E 90 1.60 -0.26 -15.43
C SER E 90 1.64 1.05 -16.22
N VAL E 91 0.67 1.93 -15.94
CA VAL E 91 0.61 3.22 -16.61
C VAL E 91 1.82 4.04 -16.21
N ILE E 92 2.46 4.68 -17.19
CA ILE E 92 3.68 5.42 -16.90
C ILE E 92 3.34 6.82 -16.40
N ASP E 93 2.30 7.45 -16.95
CA ASP E 93 1.94 8.81 -16.55
C ASP E 93 0.44 8.99 -16.80
N ASP E 94 -0.34 9.02 -15.71
CA ASP E 94 -1.78 9.21 -15.82
C ASP E 94 -2.13 10.41 -16.68
N ASN E 95 -1.28 11.44 -16.67
CA ASN E 95 -1.61 12.67 -17.39
C ASN E 95 -1.46 12.53 -18.90
N ASP E 96 -0.72 11.54 -19.39
CA ASP E 96 -0.66 11.31 -20.82
C ASP E 96 -1.85 10.51 -21.34
N THR E 97 -2.67 9.99 -20.44
CA THR E 97 -3.80 9.14 -20.82
C THR E 97 -4.80 9.92 -21.68
N ILE E 98 -5.38 9.22 -22.66
CA ILE E 98 -6.24 9.80 -23.67
C ILE E 98 -7.62 9.19 -23.51
N VAL E 99 -8.65 10.04 -23.49
CA VAL E 99 -10.03 9.58 -23.29
C VAL E 99 -10.92 10.26 -24.30
N ASP E 100 -11.65 9.46 -25.06
CA ASP E 100 -12.58 9.93 -26.07
C ASP E 100 -13.97 9.58 -25.54
N GLU E 101 -14.61 10.56 -24.89
CA GLU E 101 -15.91 10.30 -24.28
C GLU E 101 -16.96 9.97 -25.34
N ARG E 102 -16.78 10.46 -26.56
CA ARG E 102 -17.82 10.27 -27.57
C ARG E 102 -17.80 8.85 -28.12
N THR E 103 -16.61 8.28 -28.33
CA THR E 103 -16.47 6.94 -28.86
C THR E 103 -16.17 5.91 -27.77
N ARG E 104 -15.99 6.36 -26.52
CA ARG E 104 -15.75 5.49 -25.36
C ARG E 104 -14.40 4.77 -25.46
N LYS E 105 -13.37 5.50 -25.89
CA LYS E 105 -12.04 4.96 -26.03
C LYS E 105 -11.09 5.54 -24.99
N VAL E 106 -10.18 4.70 -24.49
CA VAL E 106 -9.10 5.10 -23.59
C VAL E 106 -7.77 4.59 -24.16
N VAL E 107 -6.74 5.42 -24.08
CA VAL E 107 -5.40 5.09 -24.53
C VAL E 107 -4.48 5.20 -23.34
N PHE E 108 -3.80 4.10 -23.01
CA PHE E 108 -2.70 4.08 -22.04
C PHE E 108 -1.40 3.78 -22.76
N TYR E 109 -0.33 4.48 -22.39
CA TYR E 109 1.02 4.07 -22.69
C TYR E 109 1.60 3.44 -21.43
N LEU E 110 1.97 2.16 -21.54
CA LEU E 110 2.21 1.31 -20.39
C LEU E 110 3.65 0.80 -20.37
N ALA E 111 4.18 0.61 -19.17
CA ALA E 111 5.42 -0.16 -18.99
C ALA E 111 5.02 -1.60 -18.69
N SER E 112 5.66 -2.54 -19.38
CA SER E 112 5.50 -3.95 -19.07
C SER E 112 6.82 -4.49 -18.56
N ARG E 113 6.73 -5.28 -17.50
CA ARG E 113 7.91 -5.76 -16.80
C ARG E 113 7.56 -7.14 -16.27
N GLY E 114 8.40 -8.12 -16.59
CA GLY E 114 8.15 -9.47 -16.11
C GLY E 114 9.44 -10.24 -15.94
N ASP E 115 9.30 -11.43 -15.38
CA ASP E 115 10.40 -12.37 -15.34
C ASP E 115 9.99 -13.65 -16.05
N THR E 116 10.90 -14.16 -16.86
CA THR E 116 10.61 -15.27 -17.76
C THR E 116 11.68 -16.34 -17.61
N ILE E 117 11.35 -17.54 -18.11
CA ILE E 117 12.28 -18.66 -18.17
C ILE E 117 13.56 -18.33 -18.92
N VAL E 118 13.58 -17.27 -19.73
CA VAL E 118 14.82 -16.81 -20.36
C VAL E 118 15.27 -15.47 -19.77
N GLY E 119 14.83 -15.16 -18.55
CA GLY E 119 15.26 -13.93 -17.93
C GLY E 119 14.25 -12.79 -18.00
N GLU E 120 14.77 -11.57 -18.02
CA GLU E 120 13.99 -10.36 -17.79
C GLU E 120 13.21 -9.95 -19.05
N TRP E 121 11.92 -9.68 -18.89
CA TRP E 121 11.13 -8.97 -19.88
C TRP E 121 10.94 -7.53 -19.42
N LYS E 122 11.31 -6.59 -20.28
CA LYS E 122 11.24 -5.17 -19.96
C LYS E 122 10.93 -4.42 -21.25
N SER E 123 9.77 -3.78 -21.31
CA SER E 123 9.33 -3.15 -22.56
C SER E 123 8.27 -2.09 -22.25
N GLU E 124 7.64 -1.60 -23.31
CA GLU E 124 6.56 -0.64 -23.22
C GLU E 124 5.58 -0.96 -24.33
N CYS E 125 4.33 -0.59 -24.11
CA CYS E 125 3.31 -0.87 -25.09
C CYS E 125 2.21 0.17 -24.98
N ILE E 126 1.46 0.29 -26.07
CA ILE E 126 0.34 1.19 -26.13
C ILE E 126 -0.92 0.33 -26.22
N PHE E 127 -1.89 0.61 -25.34
CA PHE E 127 -3.15 -0.09 -25.28
C PHE E 127 -4.29 0.88 -25.53
N ILE E 128 -5.30 0.41 -26.26
CA ILE E 128 -6.48 1.21 -26.58
C ILE E 128 -7.71 0.36 -26.27
N PHE E 129 -8.59 0.88 -25.43
CA PHE E 129 -9.82 0.19 -25.08
C PHE E 129 -11.02 0.96 -25.63
N GLN E 130 -11.96 0.23 -26.21
CA GLN E 130 -13.29 0.75 -26.50
C GLN E 130 -14.28 0.09 -25.53
N MET E 131 -14.78 0.88 -24.58
CA MET E 131 -15.78 0.38 -23.66
C MET E 131 -17.12 0.14 -24.37
N SER E 132 -17.92 -0.74 -23.77
CA SER E 132 -19.30 -0.94 -24.18
C SER E 132 -20.15 0.31 -23.92
N GLU E 133 -21.37 0.32 -24.48
CA GLU E 133 -22.24 1.48 -24.36
C GLU E 133 -22.47 1.90 -22.90
N ASP E 134 -22.56 0.94 -21.97
CA ASP E 134 -22.75 1.33 -20.58
C ASP E 134 -21.45 1.66 -19.87
N GLY E 135 -20.30 1.41 -20.52
CA GLY E 135 -19.01 1.77 -19.95
C GLY E 135 -18.46 0.86 -18.89
N LYS E 136 -19.09 -0.30 -18.65
CA LYS E 136 -18.66 -1.16 -17.55
C LYS E 136 -17.79 -2.31 -17.99
N LEU E 137 -17.90 -2.74 -19.25
CA LEU E 137 -17.06 -3.79 -19.82
C LEU E 137 -16.28 -3.24 -21.02
N VAL E 138 -15.31 -4.04 -21.45
CA VAL E 138 -14.44 -3.69 -22.57
C VAL E 138 -14.93 -4.44 -23.79
N ASP E 139 -15.18 -3.71 -24.88
CA ASP E 139 -15.78 -4.29 -26.08
C ASP E 139 -14.77 -4.51 -27.19
N ARG E 140 -13.64 -3.81 -27.17
CA ARG E 140 -12.64 -3.92 -28.22
C ARG E 140 -11.32 -3.46 -27.64
N ILE E 141 -10.23 -4.15 -28.01
CA ILE E 141 -8.88 -3.79 -27.58
C ILE E 141 -7.96 -3.73 -28.79
N TRP E 142 -7.06 -2.75 -28.78
CA TRP E 142 -5.95 -2.70 -29.71
C TRP E 142 -4.68 -2.59 -28.88
N ALA E 143 -3.68 -3.40 -29.20
CA ALA E 143 -2.41 -3.38 -28.48
C ALA E 143 -1.30 -3.18 -29.48
N GLY E 144 -0.50 -2.12 -29.27
CA GLY E 144 0.70 -1.91 -30.05
C GLY E 144 1.94 -2.13 -29.20
N PHE E 145 2.75 -3.15 -29.53
CA PHE E 145 3.94 -3.52 -28.78
C PHE E 145 5.21 -3.10 -29.52
N ASP E 146 6.35 -3.34 -28.87
CA ASP E 146 7.67 -3.07 -29.45
C ASP E 146 8.04 -4.35 -30.19
N THR E 147 7.86 -4.34 -31.50
CA THR E 147 7.90 -5.62 -32.22
C THR E 147 9.32 -6.12 -32.42
N ALA E 148 10.30 -5.22 -32.46
CA ALA E 148 11.70 -5.63 -32.47
C ALA E 148 12.04 -6.34 -31.17
N TYR E 149 11.57 -5.80 -30.05
CA TYR E 149 11.83 -6.45 -28.78
C TYR E 149 11.16 -7.82 -28.73
N MET E 150 9.92 -7.95 -29.24
CA MET E 150 9.29 -9.26 -29.34
C MET E 150 10.15 -10.24 -30.16
N ASP E 151 10.70 -9.79 -31.29
CA ASP E 151 11.59 -10.62 -32.10
C ASP E 151 12.78 -11.10 -31.29
N GLU E 152 13.51 -10.17 -30.67
CA GLU E 152 14.69 -10.52 -29.90
C GLU E 152 14.35 -11.42 -28.72
N PHE E 153 13.15 -11.25 -28.15
CA PHE E 153 12.76 -12.12 -27.06
C PHE E 153 12.52 -13.55 -27.55
N GLU E 154 11.80 -13.71 -28.66
CA GLU E 154 11.60 -15.04 -29.24
C GLU E 154 12.93 -15.71 -29.58
N SER E 155 13.92 -14.93 -30.00
CA SER E 155 15.23 -15.50 -30.29
C SER E 155 15.88 -16.06 -29.04
N ARG E 156 15.66 -15.42 -27.90
CA ARG E 156 16.20 -15.93 -26.65
C ARG E 156 15.61 -17.30 -26.32
N LEU E 157 14.34 -17.53 -26.67
CA LEU E 157 13.75 -18.85 -26.44
C LEU E 157 14.36 -19.87 -27.38
N ASP E 158 14.65 -19.47 -28.63
CA ASP E 158 15.32 -20.35 -29.59
C ASP E 158 16.68 -20.82 -29.10
N GLY E 159 17.28 -20.13 -28.13
CA GLY E 159 18.62 -20.48 -27.69
C GLY E 159 18.65 -21.40 -26.49
N ILE E 160 17.55 -22.09 -26.21
CA ILE E 160 17.47 -23.00 -25.07
C ILE E 160 17.93 -24.37 -25.51
N THR E 161 18.96 -24.90 -24.85
CA THR E 161 19.49 -26.23 -25.15
C THR E 161 19.70 -27.06 -23.88
N PRO F 23 -11.99 24.72 -28.95
CA PRO F 23 -11.69 23.96 -30.17
C PRO F 23 -12.36 22.60 -30.14
N THR F 24 -13.16 22.29 -31.16
CA THR F 24 -13.94 21.06 -31.13
C THR F 24 -13.17 19.89 -31.73
N ARG F 25 -13.78 18.71 -31.61
CA ARG F 25 -13.20 17.51 -32.17
C ARG F 25 -12.98 17.65 -33.68
N GLU F 26 -13.83 18.40 -34.37
CA GLU F 26 -13.63 18.57 -35.81
C GLU F 26 -12.44 19.49 -36.09
N ASP F 27 -12.25 20.52 -35.25
CA ASP F 27 -11.09 21.41 -35.39
C ASP F 27 -9.78 20.66 -35.11
N LEU F 28 -9.74 19.89 -34.04
CA LEU F 28 -8.53 19.12 -33.74
C LEU F 28 -8.17 18.19 -34.88
N VAL F 29 -9.14 17.41 -35.34
CA VAL F 29 -8.91 16.51 -36.47
C VAL F 29 -8.38 17.29 -37.68
N ALA F 30 -8.94 18.48 -37.93
CA ALA F 30 -8.55 19.24 -39.12
C ALA F 30 -7.08 19.62 -39.08
N THR F 31 -6.62 20.14 -37.95
CA THR F 31 -5.20 20.44 -37.80
C THR F 31 -4.35 19.19 -38.00
N ALA F 32 -4.78 18.06 -37.41
CA ALA F 32 -3.99 16.84 -37.52
C ALA F 32 -3.89 16.40 -38.98
N LYS F 33 -5.00 16.44 -39.71
CA LYS F 33 -4.95 16.09 -41.12
C LYS F 33 -4.13 17.11 -41.90
N LEU F 34 -4.12 18.36 -41.46
CA LEU F 34 -3.24 19.31 -42.13
C LEU F 34 -1.80 18.94 -41.89
N PHE F 35 -1.45 18.54 -40.66
CA PHE F 35 -0.10 18.04 -40.42
C PHE F 35 0.23 16.91 -41.39
N ILE F 36 -0.65 15.93 -41.49
CA ILE F 36 -0.41 14.81 -42.40
C ILE F 36 -0.18 15.31 -43.82
N ALA F 37 -1.02 16.25 -44.25
CA ALA F 37 -0.90 16.85 -45.57
C ALA F 37 0.51 17.38 -45.81
N LYS F 38 1.02 18.20 -44.89
CA LYS F 38 2.36 18.72 -45.05
C LYS F 38 3.38 17.61 -44.92
N TYR F 39 3.15 16.70 -43.98
CA TYR F 39 4.07 15.58 -43.77
C TYR F 39 4.31 14.83 -45.06
N ASN F 40 3.25 14.60 -45.84
CA ASN F 40 3.36 13.83 -47.08
C ASN F 40 4.14 14.57 -48.15
N GLU F 41 4.34 15.88 -48.00
CA GLU F 41 5.24 16.59 -48.91
C GLU F 41 6.71 16.23 -48.64
N PHE F 42 7.04 15.79 -47.43
CA PHE F 42 8.30 15.12 -47.15
C PHE F 42 9.52 15.99 -47.48
N THR F 43 9.49 17.24 -47.05
CA THR F 43 10.69 18.08 -47.01
C THR F 43 10.94 18.47 -45.57
N PRO F 44 12.19 18.80 -45.22
CA PRO F 44 12.46 19.22 -43.82
C PRO F 44 11.61 20.40 -43.38
N GLU F 45 11.22 21.30 -44.29
CA GLU F 45 10.34 22.40 -43.90
C GLU F 45 8.90 21.95 -43.73
N SER F 46 8.38 21.18 -44.70
CA SER F 46 7.00 20.73 -44.63
C SER F 46 6.70 20.00 -43.32
N ILE F 47 7.63 19.17 -42.83
CA ILE F 47 7.33 18.35 -41.67
C ILE F 47 7.28 19.13 -40.37
N ILE F 48 7.79 20.36 -40.33
CA ILE F 48 7.61 21.18 -39.13
C ILE F 48 6.69 22.37 -39.36
N SER F 49 6.01 22.43 -40.50
CA SER F 49 5.28 23.65 -40.83
C SER F 49 4.01 23.82 -39.98
N VAL F 50 3.50 22.75 -39.37
CA VAL F 50 2.28 22.84 -38.59
C VAL F 50 2.59 22.53 -37.14
N ARG F 51 3.79 22.89 -36.71
CA ARG F 51 4.23 22.66 -35.34
C ARG F 51 4.59 23.98 -34.67
N THR F 52 4.37 24.04 -33.35
CA THR F 52 4.76 25.19 -32.55
C THR F 52 6.29 25.22 -32.37
N PRO F 53 6.87 26.40 -32.15
CA PRO F 53 8.34 26.50 -32.09
C PRO F 53 8.99 25.63 -31.05
N ASN F 54 8.34 25.40 -29.91
CA ASN F 54 8.91 24.55 -28.87
C ASN F 54 8.27 23.17 -28.85
N SER F 55 7.60 22.78 -29.93
CA SER F 55 7.02 21.45 -29.97
C SER F 55 8.11 20.38 -29.98
N VAL F 56 7.78 19.23 -29.41
CA VAL F 56 8.71 18.12 -29.35
C VAL F 56 8.01 16.89 -29.89
N SER F 57 8.79 16.05 -30.56
CA SER F 57 8.29 14.82 -31.16
C SER F 57 8.95 13.64 -30.46
N HIS F 58 8.14 12.68 -30.01
CA HIS F 58 8.62 11.49 -29.33
C HIS F 58 8.39 10.26 -30.19
N ARG F 59 9.40 9.42 -30.30
CA ARG F 59 9.25 8.10 -30.91
C ARG F 59 9.10 7.08 -29.79
N LEU F 60 8.00 6.31 -29.84
CA LEU F 60 7.67 5.39 -28.77
C LEU F 60 8.53 4.12 -28.85
N PHE F 61 8.37 3.24 -27.83
CA PHE F 61 8.98 1.91 -27.69
C PHE F 61 10.49 2.00 -27.41
N PRO F 62 10.98 1.31 -26.38
CA PRO F 62 12.41 1.43 -26.01
C PRO F 62 13.43 1.22 -27.13
N THR F 63 13.25 0.27 -28.06
CA THR F 63 14.31 0.05 -29.05
C THR F 63 14.46 1.21 -30.03
N ARG F 64 13.45 2.07 -30.17
CA ARG F 64 13.53 3.21 -31.08
C ARG F 64 13.28 4.53 -30.36
N ASN F 65 13.38 4.51 -29.03
CA ASN F 65 13.13 5.67 -28.20
C ASN F 65 13.93 6.88 -28.69
N ALA F 66 13.25 8.03 -28.81
CA ALA F 66 13.88 9.26 -29.28
C ALA F 66 12.99 10.44 -28.94
N THR F 67 13.61 11.61 -28.81
CA THR F 67 12.90 12.87 -28.57
C THR F 67 13.59 13.97 -29.35
N ARG F 68 12.83 14.67 -30.20
CA ARG F 68 13.38 15.59 -31.19
C ARG F 68 12.60 16.90 -31.20
N ASN F 69 13.33 18.02 -31.10
CA ASN F 69 12.74 19.33 -31.29
C ASN F 69 12.59 19.61 -32.78
N ILE F 70 12.26 20.85 -33.12
CA ILE F 70 11.99 21.21 -34.52
C ILE F 70 13.24 21.02 -35.38
N GLY F 71 14.34 21.66 -34.97
CA GLY F 71 15.58 21.47 -35.71
C GLY F 71 16.00 20.02 -35.83
N GLU F 72 15.91 19.27 -34.72
CA GLU F 72 16.27 17.85 -34.75
C GLU F 72 15.40 17.09 -35.75
N SER F 73 14.09 17.33 -35.75
CA SER F 73 13.24 16.68 -36.73
C SER F 73 13.66 17.02 -38.15
N MET F 74 14.03 18.29 -38.40
CA MET F 74 14.44 18.70 -39.74
C MET F 74 15.70 17.96 -40.18
N GLU F 75 16.70 17.90 -39.29
CA GLU F 75 17.90 17.13 -39.56
C GLU F 75 17.57 15.66 -39.79
N ALA F 76 16.65 15.12 -38.99
CA ALA F 76 16.33 13.69 -39.14
C ALA F 76 15.64 13.43 -40.47
N CYS F 77 14.74 14.33 -40.90
CA CYS F 77 14.09 14.16 -42.19
C CYS F 77 15.06 14.31 -43.35
N ALA F 78 15.97 15.29 -43.25
CA ALA F 78 16.98 15.46 -44.28
C ALA F 78 17.84 14.22 -44.43
N ASN F 79 18.27 13.62 -43.29
CA ASN F 79 19.05 12.38 -43.35
C ASN F 79 18.23 11.26 -43.99
N ALA F 80 16.95 11.17 -43.64
CA ALA F 80 16.11 10.13 -44.21
C ALA F 80 15.94 10.30 -45.73
N LYS F 81 15.90 11.54 -46.20
CA LYS F 81 15.70 11.77 -47.63
C LYS F 81 16.86 11.22 -48.48
N GLU F 82 18.02 10.94 -47.88
CA GLU F 82 19.09 10.25 -48.60
C GLU F 82 18.72 8.81 -48.94
N VAL F 83 17.78 8.21 -48.21
CA VAL F 83 17.37 6.83 -48.43
C VAL F 83 15.98 6.74 -49.04
N PHE F 84 15.02 7.50 -48.47
CA PHE F 84 13.64 7.51 -48.95
C PHE F 84 13.50 8.51 -50.09
N LYS F 85 13.07 8.03 -51.26
CA LYS F 85 12.83 8.95 -52.36
C LYS F 85 11.47 9.64 -52.20
N SER F 86 10.49 8.90 -51.68
CA SER F 86 9.19 9.43 -51.31
C SER F 86 8.76 8.76 -50.03
N LEU F 87 7.78 9.38 -49.38
CA LEU F 87 7.17 8.80 -48.19
C LEU F 87 5.80 9.42 -48.03
N THR F 88 4.80 8.59 -47.78
CA THR F 88 3.44 9.10 -47.57
C THR F 88 2.73 8.24 -46.54
N VAL F 89 1.82 8.87 -45.79
CA VAL F 89 0.97 8.20 -44.83
C VAL F 89 -0.48 8.62 -45.08
N SER F 90 -1.40 7.69 -44.82
CA SER F 90 -2.81 8.04 -44.89
C SER F 90 -3.57 7.32 -43.78
N VAL F 91 -4.66 7.95 -43.34
CA VAL F 91 -5.50 7.44 -42.28
C VAL F 91 -6.27 6.24 -42.81
N ILE F 92 -6.08 5.08 -42.19
CA ILE F 92 -6.68 3.86 -42.74
C ILE F 92 -8.21 3.92 -42.66
N ASP F 93 -8.75 4.53 -41.61
CA ASP F 93 -10.19 4.41 -41.32
C ASP F 93 -10.55 5.53 -40.35
N ASP F 94 -11.22 6.58 -40.86
CA ASP F 94 -11.63 7.67 -39.99
C ASP F 94 -12.47 7.20 -38.81
N ASN F 95 -13.20 6.09 -38.94
CA ASN F 95 -14.06 5.64 -37.85
C ASN F 95 -13.26 5.20 -36.63
N ASP F 96 -11.97 4.88 -36.82
CA ASP F 96 -11.12 4.48 -35.70
C ASP F 96 -10.38 5.65 -35.06
N THR F 97 -10.44 6.83 -35.66
CA THR F 97 -9.71 7.97 -35.12
C THR F 97 -10.20 8.27 -33.70
N ILE F 98 -9.27 8.66 -32.83
CA ILE F 98 -9.56 8.94 -31.43
C ILE F 98 -9.30 10.42 -31.20
N VAL F 99 -10.26 11.11 -30.60
CA VAL F 99 -10.11 12.52 -30.29
C VAL F 99 -10.48 12.74 -28.84
N ASP F 100 -9.61 13.39 -28.10
CA ASP F 100 -9.84 13.77 -26.71
C ASP F 100 -9.94 15.29 -26.66
N GLU F 101 -11.17 15.81 -26.56
CA GLU F 101 -11.33 17.27 -26.59
C GLU F 101 -10.73 17.93 -25.37
N ARG F 102 -10.75 17.27 -24.21
CA ARG F 102 -10.19 17.88 -23.01
C ARG F 102 -8.69 18.13 -23.19
N THR F 103 -7.95 17.11 -23.64
CA THR F 103 -6.50 17.24 -23.75
C THR F 103 -6.03 17.61 -25.17
N ARG F 104 -6.95 17.82 -26.10
CA ARG F 104 -6.62 18.30 -27.45
C ARG F 104 -5.75 17.29 -28.21
N LYS F 105 -6.03 16.01 -28.01
CA LYS F 105 -5.24 14.96 -28.64
C LYS F 105 -6.05 14.26 -29.72
N VAL F 106 -5.37 13.95 -30.82
CA VAL F 106 -5.89 13.11 -31.90
C VAL F 106 -4.97 11.91 -32.07
N VAL F 107 -5.56 10.74 -32.33
CA VAL F 107 -4.81 9.54 -32.60
C VAL F 107 -5.23 9.02 -33.97
N PHE F 108 -4.27 8.85 -34.87
CA PHE F 108 -4.47 8.21 -36.16
C PHE F 108 -3.73 6.87 -36.18
N TYR F 109 -4.35 5.87 -36.79
CA TYR F 109 -3.63 4.68 -37.22
C TYR F 109 -3.44 4.79 -38.73
N LEU F 110 -2.19 4.81 -39.16
CA LEU F 110 -1.83 5.23 -40.51
C LEU F 110 -1.16 4.11 -41.29
N ALA F 111 -1.42 4.07 -42.59
CA ALA F 111 -0.68 3.23 -43.52
C ALA F 111 0.45 4.08 -44.09
N SER F 112 1.67 3.55 -44.08
CA SER F 112 2.83 4.29 -44.56
C SER F 112 3.45 3.55 -45.74
N ARG F 113 3.75 4.29 -46.81
CA ARG F 113 4.37 3.73 -48.00
C ARG F 113 5.44 4.70 -48.47
N GLY F 114 6.52 4.15 -48.99
CA GLY F 114 7.56 4.97 -49.57
C GLY F 114 8.36 4.19 -50.57
N ASP F 115 9.06 4.93 -51.41
CA ASP F 115 10.02 4.35 -52.35
C ASP F 115 11.42 4.71 -51.87
N THR F 116 12.33 3.73 -51.84
CA THR F 116 13.64 3.92 -51.25
C THR F 116 14.73 3.34 -52.16
N ILE F 117 15.96 3.71 -51.86
CA ILE F 117 17.10 3.16 -52.58
C ILE F 117 17.27 1.66 -52.38
N VAL F 118 16.48 1.04 -51.50
CA VAL F 118 16.46 -0.42 -51.41
C VAL F 118 15.05 -0.93 -51.51
N GLY F 119 14.28 -0.40 -52.46
CA GLY F 119 12.96 -0.94 -52.72
C GLY F 119 11.87 -0.40 -51.83
N GLU F 120 10.82 -1.20 -51.67
CA GLU F 120 9.54 -0.73 -51.17
C GLU F 120 9.54 -0.60 -49.64
N TRP F 121 9.08 0.55 -49.14
CA TRP F 121 8.72 0.72 -47.75
C TRP F 121 7.21 0.58 -47.62
N LYS F 122 6.76 -0.34 -46.78
CA LYS F 122 5.34 -0.58 -46.61
C LYS F 122 5.11 -0.98 -45.16
N SER F 123 4.30 -0.20 -44.42
CA SER F 123 4.15 -0.42 -42.98
C SER F 123 2.93 0.35 -42.47
N GLU F 124 2.73 0.30 -41.16
CA GLU F 124 1.69 1.03 -40.46
C GLU F 124 2.28 1.65 -39.20
N CYS F 125 1.65 2.72 -38.74
CA CYS F 125 2.16 3.42 -37.58
C CYS F 125 1.01 4.15 -36.91
N ILE F 126 1.21 4.46 -35.65
CA ILE F 126 0.23 5.19 -34.87
C ILE F 126 0.84 6.54 -34.54
N PHE F 127 0.10 7.60 -34.82
CA PHE F 127 0.53 8.96 -34.52
C PHE F 127 -0.45 9.59 -33.54
N ILE F 128 0.11 10.19 -32.51
CA ILE F 128 -0.65 10.90 -31.50
C ILE F 128 -0.25 12.36 -31.59
N PHE F 129 -1.24 13.24 -31.74
CA PHE F 129 -1.03 14.67 -31.85
C PHE F 129 -1.67 15.37 -30.66
N GLN F 130 -0.90 16.21 -29.98
CA GLN F 130 -1.44 17.17 -29.02
C GLN F 130 -1.43 18.57 -29.64
N MET F 131 -2.60 19.18 -29.73
CA MET F 131 -2.71 20.48 -30.39
C MET F 131 -2.45 21.62 -29.42
N SER F 132 -2.08 22.77 -29.98
CA SER F 132 -2.05 24.02 -29.22
C SER F 132 -3.45 24.39 -28.72
N GLU F 133 -3.49 25.25 -27.68
CA GLU F 133 -4.76 25.67 -27.07
C GLU F 133 -5.76 26.14 -28.10
N ASP F 134 -5.32 26.91 -29.09
CA ASP F 134 -6.24 27.39 -30.11
C ASP F 134 -6.55 26.33 -31.17
N GLY F 135 -5.93 25.16 -31.08
CA GLY F 135 -6.23 24.04 -31.94
C GLY F 135 -5.70 24.14 -33.35
N LYS F 136 -4.79 25.06 -33.64
CA LYS F 136 -4.39 25.28 -35.03
C LYS F 136 -2.97 24.82 -35.35
N LEU F 137 -2.13 24.60 -34.35
CA LEU F 137 -0.80 24.06 -34.58
C LEU F 137 -0.61 22.84 -33.68
N VAL F 138 0.39 22.04 -34.05
CA VAL F 138 0.70 20.80 -33.35
C VAL F 138 1.81 21.05 -32.34
N ASP F 139 1.56 20.68 -31.09
CA ASP F 139 2.43 21.04 -29.97
C ASP F 139 3.27 19.87 -29.47
N ARG F 140 2.80 18.64 -29.64
CA ARG F 140 3.53 17.47 -29.18
C ARG F 140 3.10 16.31 -30.05
N ILE F 141 4.04 15.44 -30.39
CA ILE F 141 3.79 14.29 -31.26
C ILE F 141 4.39 13.05 -30.60
N TRP F 142 3.62 11.97 -30.56
CA TRP F 142 4.14 10.64 -30.25
C TRP F 142 3.93 9.76 -31.47
N ALA F 143 4.95 9.00 -31.85
CA ALA F 143 4.88 8.15 -33.04
C ALA F 143 5.34 6.74 -32.69
N GLY F 144 4.45 5.78 -32.84
CA GLY F 144 4.76 4.39 -32.62
C GLY F 144 4.86 3.70 -33.96
N PHE F 145 6.04 3.14 -34.23
CA PHE F 145 6.31 2.43 -35.47
C PHE F 145 6.39 0.93 -35.24
N ASP F 146 6.40 0.19 -36.35
CA ASP F 146 6.61 -1.25 -36.30
C ASP F 146 8.12 -1.47 -36.23
N THR F 147 8.64 -1.68 -35.00
CA THR F 147 10.09 -1.65 -34.81
C THR F 147 10.79 -2.85 -35.43
N ALA F 148 10.13 -4.02 -35.51
CA ALA F 148 10.75 -5.14 -36.23
C ALA F 148 10.90 -4.79 -37.70
N TYR F 149 9.90 -4.13 -38.28
CA TYR F 149 10.01 -3.79 -39.69
C TYR F 149 11.11 -2.77 -39.93
N MET F 150 11.23 -1.75 -39.06
CA MET F 150 12.39 -0.84 -39.15
C MET F 150 13.70 -1.62 -39.16
N ASP F 151 13.81 -2.64 -38.31
CA ASP F 151 15.02 -3.47 -38.25
C ASP F 151 15.29 -4.17 -39.58
N GLU F 152 14.29 -4.89 -40.12
CA GLU F 152 14.44 -5.52 -41.43
C GLU F 152 14.81 -4.50 -42.49
N PHE F 153 14.23 -3.31 -42.44
CA PHE F 153 14.52 -2.33 -43.48
C PHE F 153 15.97 -1.88 -43.41
N GLU F 154 16.47 -1.60 -42.21
CA GLU F 154 17.87 -1.24 -42.05
C GLU F 154 18.79 -2.36 -42.49
N SER F 155 18.43 -3.61 -42.18
CA SER F 155 19.28 -4.71 -42.56
C SER F 155 19.36 -4.85 -44.07
N ARG F 156 18.37 -4.31 -44.79
CA ARG F 156 18.45 -4.28 -46.24
C ARG F 156 19.52 -3.29 -46.70
N LEU F 157 19.71 -2.21 -45.95
CA LEU F 157 20.82 -1.31 -46.27
C LEU F 157 22.16 -1.97 -45.99
N ASP F 158 22.23 -2.88 -45.01
CA ASP F 158 23.48 -3.62 -44.76
C ASP F 158 23.92 -4.43 -45.98
N GLY F 159 23.01 -4.75 -46.91
CA GLY F 159 23.37 -5.53 -48.08
C GLY F 159 23.83 -4.77 -49.31
N ILE F 160 23.81 -3.43 -49.29
CA ILE F 160 24.35 -2.66 -50.41
C ILE F 160 25.83 -2.96 -50.55
N THR F 161 26.23 -3.46 -51.72
CA THR F 161 27.64 -3.74 -51.97
C THR F 161 28.06 -3.31 -53.39
#